data_9V59
#
_entry.id   9V59
#
_cell.length_a   61.936
_cell.length_b   94.184
_cell.length_c   76.041
_cell.angle_alpha   90
_cell.angle_beta   101.34
_cell.angle_gamma   90
#
_symmetry.space_group_name_H-M   'P 1 21 1'
#
loop_
_entity.id
_entity.type
_entity.pdbx_description
1 polymer WHaloCaMP1a
2 non-polymer alpha-D-glucopyranose
3 non-polymer 'CALCIUM ION'
4 non-polymer '2-[3,6-bis[(1R,5S)-3-oxa-8-azabicyclo[3.2.1]octan-8-yl]-1H-xanthen-9-yl]-4-[2-(2-hexoxyethoxy)ethylcarbamoyl]benzoic acid'
5 non-polymer 'CHLORIDE ION'
6 water water
#
_entity_poly.entity_id   1
_entity_poly.type   'polypeptide(L)'
_entity_poly.pdbx_seq_one_letter_code
;AEIGTGFPFDPHYVEVLGERMHYVDVGPRDGTPVLFLHGNPTSSYVWRNIIPHVAPTHRCIAPDLIGMGKSDKPDLGYFF
DDHVRFMDAFIEALGLEEVVLVIHDWGSALGFHWAKRNPERVKGIAFMEFIRPIPTWDEWPEFARETFQAFRTTDVGRKL
IIDQNVFIEWTLPMAVARARRKWQKTGHAVRAIGRLSSGGSGGSGGSGGSDQLTEEQIAEFKEAFSLFDKDGDGTITTKE
LGTVMRSLGQNPTEAELQDMINEVDADGNGTIDFPEFLTMMARKMKDTDSEEEIREAFRVFDKDGNGYISAAELRHVMTN
LGEKLTDEEVDEMIREADIDGDGQVNYEEFVQMMTAKYLTEVEMDHYREPFLNPVDREPLWRFPNELPIAGEPANIVALV
EEYMDWLHQSPVPKLLFWGTPGVLIPPAEAARLAKSLPNCKAVDIGPGLNLLQEDNPDLIGSEIARWLSTLEIS
;
_entity_poly.pdbx_strand_id   A,B
#
# COMPACT_ATOMS: atom_id res chain seq x y z
N GLY A 4 11.07 1.37 34.69
CA GLY A 4 12.00 2.49 34.83
C GLY A 4 11.83 3.55 33.76
N THR A 5 11.36 4.74 34.15
CA THR A 5 10.99 5.78 33.21
C THR A 5 11.97 6.95 33.16
N GLY A 6 12.85 7.10 34.14
CA GLY A 6 13.72 8.26 34.20
C GLY A 6 14.94 8.17 33.29
N PHE A 7 15.57 9.34 33.09
CA PHE A 7 16.87 9.46 32.42
C PHE A 7 17.70 10.41 33.26
N PRO A 8 18.37 9.89 34.30
CA PRO A 8 19.08 10.75 35.24
C PRO A 8 20.50 11.14 34.82
N PHE A 9 20.94 10.69 33.65
CA PHE A 9 22.32 10.87 33.25
C PHE A 9 22.62 12.33 32.90
N ASP A 10 23.73 12.85 33.44
CA ASP A 10 24.23 14.15 33.03
C ASP A 10 24.38 14.18 31.52
N PRO A 11 23.84 15.19 30.85
CA PRO A 11 24.09 15.34 29.41
C PRO A 11 25.53 15.74 29.13
N HIS A 12 26.14 15.11 28.14
CA HIS A 12 27.45 15.48 27.63
C HIS A 12 27.33 15.74 26.14
N TYR A 13 28.13 16.68 25.61
CA TYR A 13 28.18 16.91 24.17
C TYR A 13 29.63 17.03 23.71
N VAL A 14 29.84 16.66 22.45
CA VAL A 14 31.15 16.73 21.80
C VAL A 14 30.94 17.29 20.40
N GLU A 15 31.90 18.11 19.95
CA GLU A 15 31.90 18.68 18.58
C GLU A 15 32.21 17.62 17.53
N VAL A 16 31.32 17.48 16.56
CA VAL A 16 31.49 16.45 15.55
C VAL A 16 31.13 17.01 14.17
N LEU A 17 32.14 17.16 13.29
CA LEU A 17 31.92 17.70 11.94
C LEU A 17 31.08 18.97 12.01
N GLY A 18 31.47 19.90 12.87
CA GLY A 18 30.76 21.16 12.96
C GLY A 18 29.41 21.12 13.66
N GLU A 19 28.89 19.95 14.03
CA GLU A 19 27.71 19.84 14.87
C GLU A 19 28.09 19.40 16.29
N ARG A 20 27.08 19.36 17.16
CA ARG A 20 27.20 18.86 18.53
C ARG A 20 26.37 17.60 18.69
N MET A 21 26.99 16.52 19.18
CA MET A 21 26.29 15.27 19.43
C MET A 21 26.19 15.02 20.92
N HIS A 22 25.01 14.62 21.38
CA HIS A 22 24.80 14.29 22.77
C HIS A 22 25.20 12.84 23.05
N TYR A 23 25.71 12.61 24.26
CA TYR A 23 25.99 11.24 24.67
C TYR A 23 25.94 11.11 26.19
N VAL A 24 25.54 9.92 26.63
CA VAL A 24 25.71 9.49 28.01
C VAL A 24 27.16 9.08 28.21
N ASP A 25 27.72 9.41 29.37
CA ASP A 25 29.06 8.96 29.73
C ASP A 25 29.05 8.77 31.25
N VAL A 26 28.90 7.53 31.68
CA VAL A 26 28.81 7.19 33.08
C VAL A 26 29.78 6.04 33.36
N GLY A 27 29.92 5.72 34.64
CA GLY A 27 30.81 4.68 35.07
C GLY A 27 32.19 5.21 35.37
N PRO A 28 33.10 4.34 35.77
CA PRO A 28 34.49 4.78 36.04
C PRO A 28 35.12 5.30 34.76
N ARG A 29 36.10 6.19 34.94
CA ARG A 29 36.74 6.83 33.78
C ARG A 29 37.71 5.91 33.07
N ASP A 30 38.36 5.02 33.82
CA ASP A 30 39.42 4.18 33.30
C ASP A 30 38.87 2.87 32.74
N GLY A 31 39.72 2.16 32.00
CA GLY A 31 39.33 0.89 31.40
C GLY A 31 38.72 1.02 30.02
N THR A 32 38.45 -0.13 29.43
CA THR A 32 37.87 -0.17 28.10
C THR A 32 36.43 0.33 28.14
N PRO A 33 36.06 1.30 27.32
CA PRO A 33 34.67 1.77 27.31
C PRO A 33 33.73 0.85 26.56
N VAL A 34 32.51 0.79 27.06
CA VAL A 34 31.42 0.05 26.45
C VAL A 34 30.55 1.08 25.73
N LEU A 35 30.39 0.91 24.42
CA LEU A 35 29.70 1.88 23.55
C LEU A 35 28.35 1.29 23.14
N PHE A 36 27.28 1.93 23.60
CA PHE A 36 25.91 1.53 23.28
C PHE A 36 25.40 2.37 22.11
N LEU A 37 24.93 1.70 21.06
CA LEU A 37 24.39 2.35 19.87
C LEU A 37 22.92 1.97 19.68
N HIS A 38 22.06 2.98 19.75
CA HIS A 38 20.62 2.88 19.56
C HIS A 38 20.26 2.95 18.06
N GLY A 39 18.99 2.69 17.77
CA GLY A 39 18.52 2.74 16.40
C GLY A 39 17.27 3.57 16.20
N ASN A 40 16.52 3.27 15.13
CA ASN A 40 15.32 4.02 14.81
C ASN A 40 14.13 3.46 15.57
N PRO A 41 13.26 4.28 16.17
CA PRO A 41 13.23 5.73 16.31
C PRO A 41 13.57 6.12 17.74
N THR A 42 14.62 5.52 18.29
CA THR A 42 14.89 5.71 19.71
C THR A 42 16.02 6.71 19.93
N SER A 43 16.67 6.65 21.10
CA SER A 43 17.84 7.47 21.41
C SER A 43 18.62 6.71 22.48
N SER A 44 19.59 7.38 23.11
CA SER A 44 20.25 6.72 24.23
C SER A 44 19.27 6.38 25.36
N TYR A 45 18.08 6.99 25.36
CA TYR A 45 17.00 6.61 26.29
C TYR A 45 16.70 5.12 26.27
N VAL A 46 16.85 4.48 25.10
CA VAL A 46 16.57 3.05 24.98
C VAL A 46 17.47 2.20 25.89
N TRP A 47 18.61 2.73 26.31
CA TRP A 47 19.56 2.00 27.13
C TRP A 47 19.42 2.31 28.62
N ARG A 48 18.44 3.14 29.00
CA ARG A 48 18.41 3.71 30.33
C ARG A 48 18.33 2.65 31.42
N ASN A 49 17.80 1.47 31.11
CA ASN A 49 17.66 0.40 32.08
C ASN A 49 18.68 -0.71 31.90
N ILE A 50 19.50 -0.63 30.85
CA ILE A 50 20.61 -1.56 30.63
C ILE A 50 21.90 -1.04 31.26
N ILE A 51 22.17 0.25 31.04
CA ILE A 51 23.44 0.82 31.49
C ILE A 51 23.66 0.69 32.98
N PRO A 52 22.65 0.83 33.86
CA PRO A 52 22.91 0.70 35.31
C PRO A 52 23.44 -0.64 35.75
N HIS A 53 23.25 -1.70 34.96
CA HIS A 53 23.88 -2.99 35.27
C HIS A 53 25.37 -2.99 34.93
N VAL A 54 25.79 -2.17 33.98
CA VAL A 54 27.15 -2.18 33.47
C VAL A 54 27.99 -1.04 34.05
N ALA A 55 27.36 0.12 34.26
CA ALA A 55 28.09 1.27 34.77
C ALA A 55 28.79 1.07 36.13
N PRO A 56 28.38 0.15 37.03
CA PRO A 56 29.19 -0.02 38.26
C PRO A 56 30.64 -0.37 37.99
N THR A 57 30.92 -1.14 36.93
CA THR A 57 32.29 -1.55 36.68
C THR A 57 32.86 -1.15 35.33
N HIS A 58 32.14 -0.40 34.50
CA HIS A 58 32.69 -0.04 33.20
C HIS A 58 32.23 1.35 32.79
N ARG A 59 33.10 2.05 32.08
CA ARG A 59 32.69 3.27 31.41
C ARG A 59 31.64 2.94 30.35
N CYS A 60 30.51 3.64 30.41
CA CYS A 60 29.40 3.44 29.50
C CYS A 60 29.21 4.72 28.70
N ILE A 61 29.34 4.62 27.38
CA ILE A 61 29.17 5.76 26.47
C ILE A 61 28.01 5.45 25.54
N ALA A 62 26.99 6.30 25.55
CA ALA A 62 25.82 6.10 24.68
C ALA A 62 25.48 7.37 23.92
N PRO A 63 25.91 7.50 22.67
CA PRO A 63 25.56 8.69 21.87
C PRO A 63 24.12 8.64 21.37
N ASP A 64 23.57 9.83 21.14
CA ASP A 64 22.38 10.00 20.30
C ASP A 64 22.83 10.24 18.85
N LEU A 65 22.32 9.41 17.93
CA LEU A 65 22.66 9.57 16.52
C LEU A 65 22.39 11.00 16.07
N ILE A 66 23.12 11.42 15.03
CA ILE A 66 22.89 12.75 14.49
C ILE A 66 21.44 12.88 14.03
N GLY A 67 20.83 14.02 14.32
CA GLY A 67 19.43 14.21 14.01
C GLY A 67 18.46 13.56 14.98
N MET A 68 18.95 12.91 16.04
CA MET A 68 18.11 12.16 16.95
C MET A 68 18.47 12.49 18.39
N GLY A 69 17.54 12.17 19.30
CA GLY A 69 17.78 12.42 20.71
C GLY A 69 18.04 13.89 21.01
N LYS A 70 19.12 14.16 21.73
CA LYS A 70 19.53 15.52 22.02
C LYS A 70 20.66 16.00 21.12
N SER A 71 21.03 15.24 20.10
CA SER A 71 22.09 15.69 19.20
C SER A 71 21.55 16.77 18.25
N ASP A 72 22.47 17.51 17.61
CA ASP A 72 22.08 18.54 16.66
C ASP A 72 21.33 17.93 15.47
N LYS A 73 20.65 18.79 14.72
CA LYS A 73 19.74 18.34 13.67
C LYS A 73 20.00 19.12 12.37
N PRO A 74 21.16 18.91 11.75
CA PRO A 74 21.45 19.58 10.47
C PRO A 74 20.54 19.11 9.34
N ASP A 75 20.57 19.90 8.27
CA ASP A 75 19.84 19.62 7.03
C ASP A 75 20.58 18.56 6.23
N LEU A 76 20.34 17.30 6.58
CA LEU A 76 20.95 16.15 5.96
C LEU A 76 19.88 15.30 5.30
N GLY A 77 20.30 14.42 4.39
CA GLY A 77 19.41 13.36 3.96
C GLY A 77 19.23 12.28 5.01
N TYR A 78 20.16 12.20 5.97
CA TYR A 78 20.17 11.17 7.02
C TYR A 78 20.18 9.76 6.44
N PHE A 79 20.84 9.59 5.29
CA PHE A 79 21.12 8.25 4.82
C PHE A 79 22.01 7.53 5.84
N PHE A 80 22.05 6.19 5.71
CA PHE A 80 22.96 5.41 6.53
C PHE A 80 24.38 5.94 6.45
N ASP A 81 24.84 6.30 5.24
CA ASP A 81 26.21 6.76 5.12
C ASP A 81 26.40 8.14 5.71
N ASP A 82 25.32 8.88 5.97
CA ASP A 82 25.43 10.08 6.78
C ASP A 82 25.76 9.70 8.23
N HIS A 83 25.04 8.72 8.76
CA HIS A 83 25.25 8.29 10.13
C HIS A 83 26.64 7.70 10.33
N VAL A 84 27.17 7.00 9.31
CA VAL A 84 28.52 6.44 9.41
C VAL A 84 29.53 7.56 9.61
N ARG A 85 29.46 8.60 8.77
CA ARG A 85 30.34 9.74 8.90
C ARG A 85 30.33 10.29 10.32
N PHE A 86 29.13 10.58 10.85
CA PHE A 86 29.08 11.23 12.17
C PHE A 86 29.47 10.26 13.28
N MET A 87 29.13 8.98 13.14
CA MET A 87 29.53 8.05 14.18
C MET A 87 31.03 7.78 14.13
N ASP A 88 31.61 7.71 12.92
CA ASP A 88 33.06 7.61 12.81
C ASP A 88 33.74 8.80 13.48
N ALA A 89 33.23 9.99 13.22
CA ALA A 89 33.86 11.18 13.80
C ALA A 89 33.60 11.26 15.30
N PHE A 90 32.44 10.78 15.76
CA PHE A 90 32.15 10.77 17.19
C PHE A 90 33.15 9.90 17.94
N ILE A 91 33.47 8.74 17.39
CA ILE A 91 34.37 7.80 18.04
C ILE A 91 35.77 8.40 18.14
N GLU A 92 36.23 9.04 17.06
CA GLU A 92 37.53 9.69 17.10
C GLU A 92 37.53 10.88 18.05
N ALA A 93 36.43 11.64 18.09
CA ALA A 93 36.38 12.82 18.94
C ALA A 93 36.52 12.48 20.42
N LEU A 94 36.02 11.30 20.83
CA LEU A 94 36.18 10.88 22.21
C LEU A 94 37.48 10.13 22.45
N GLY A 95 38.26 9.86 21.40
CA GLY A 95 39.55 9.20 21.59
C GLY A 95 39.43 7.78 22.09
N LEU A 96 38.42 7.04 21.63
CA LEU A 96 38.23 5.65 22.04
C LEU A 96 39.17 4.77 21.25
N GLU A 97 40.24 4.29 21.88
CA GLU A 97 41.16 3.39 21.20
C GLU A 97 40.53 2.02 20.98
N GLU A 98 40.23 1.32 22.05
CA GLU A 98 39.52 0.05 22.00
C GLU A 98 38.14 0.22 22.62
N VAL A 99 37.16 -0.56 22.13
CA VAL A 99 35.82 -0.51 22.69
C VAL A 99 35.23 -1.91 22.78
N VAL A 100 34.16 -2.03 23.56
CA VAL A 100 33.20 -3.11 23.45
C VAL A 100 31.92 -2.49 22.93
N LEU A 101 31.30 -3.11 21.94
CA LEU A 101 30.11 -2.58 21.30
C LEU A 101 28.86 -3.27 21.84
N VAL A 102 27.82 -2.48 22.09
CA VAL A 102 26.49 -2.98 22.43
C VAL A 102 25.53 -2.26 21.49
N ILE A 103 24.89 -3.01 20.59
CA ILE A 103 24.27 -2.40 19.42
C ILE A 103 22.90 -3.00 19.13
N HIS A 104 22.02 -2.14 18.60
CA HIS A 104 20.63 -2.48 18.31
C HIS A 104 20.13 -1.79 17.05
N ASP A 105 19.39 -2.56 16.24
CA ASP A 105 18.74 -2.08 15.00
C ASP A 105 19.73 -1.25 14.18
N TRP A 106 19.45 0.01 13.82
CA TRP A 106 20.42 0.72 12.98
C TRP A 106 21.75 0.98 13.71
N GLY A 107 21.74 1.06 15.04
CA GLY A 107 23.01 1.12 15.74
C GLY A 107 23.89 -0.10 15.52
N SER A 108 23.32 -1.23 15.15
CA SER A 108 24.16 -2.40 14.92
C SER A 108 24.78 -2.39 13.52
N ALA A 109 24.05 -1.90 12.51
CA ALA A 109 24.69 -1.62 11.22
C ALA A 109 25.88 -0.70 11.42
N LEU A 110 25.68 0.40 12.15
CA LEU A 110 26.80 1.28 12.47
C LEU A 110 27.95 0.53 13.10
N GLY A 111 27.67 -0.25 14.15
CA GLY A 111 28.75 -0.88 14.89
C GLY A 111 29.41 -2.02 14.13
N PHE A 112 28.62 -2.83 13.43
CA PHE A 112 29.22 -3.91 12.63
C PHE A 112 30.09 -3.35 11.52
N HIS A 113 29.59 -2.35 10.79
CA HIS A 113 30.36 -1.72 9.72
C HIS A 113 31.64 -1.10 10.28
N TRP A 114 31.57 -0.46 11.45
CA TRP A 114 32.77 0.10 12.06
C TRP A 114 33.73 -1.00 12.53
N ALA A 115 33.19 -2.08 13.09
CA ALA A 115 34.06 -3.15 13.59
C ALA A 115 34.81 -3.83 12.44
N LYS A 116 34.11 -4.10 11.32
CA LYS A 116 34.76 -4.70 10.16
C LYS A 116 35.96 -3.88 9.71
N ARG A 117 35.82 -2.55 9.71
CA ARG A 117 36.90 -1.69 9.26
C ARG A 117 37.96 -1.44 10.32
N ASN A 118 37.67 -1.73 11.59
CA ASN A 118 38.63 -1.53 12.68
C ASN A 118 38.62 -2.75 13.59
N PRO A 119 38.89 -3.93 13.03
CA PRO A 119 38.69 -5.17 13.80
C PRO A 119 39.60 -5.31 15.01
N GLU A 120 40.77 -4.66 15.01
CA GLU A 120 41.66 -4.79 16.15
C GLU A 120 41.26 -3.87 17.30
N ARG A 121 40.29 -2.99 17.08
CA ARG A 121 39.86 -2.04 18.09
C ARG A 121 38.58 -2.49 18.79
N VAL A 122 38.08 -3.68 18.48
CA VAL A 122 36.84 -4.19 19.04
C VAL A 122 37.14 -5.42 19.84
N LYS A 123 36.89 -5.36 21.16
CA LYS A 123 37.17 -6.48 22.04
C LYS A 123 35.94 -7.34 22.30
N GLY A 124 34.77 -6.92 21.86
CA GLY A 124 33.55 -7.68 22.03
C GLY A 124 32.39 -7.01 21.32
N ILE A 125 31.39 -7.78 20.90
CA ILE A 125 30.17 -7.19 20.37
C ILE A 125 28.98 -7.91 20.96
N ALA A 126 28.12 -7.17 21.68
CA ALA A 126 26.82 -7.65 22.10
C ALA A 126 25.76 -7.02 21.21
N PHE A 127 24.88 -7.83 20.63
CA PHE A 127 23.96 -7.32 19.64
C PHE A 127 22.60 -8.01 19.79
N MET A 128 21.58 -7.32 19.30
CA MET A 128 20.20 -7.74 19.49
C MET A 128 19.33 -7.04 18.43
N GLU A 129 18.40 -7.79 17.83
CA GLU A 129 17.46 -7.27 16.84
C GLU A 129 18.18 -6.35 15.86
N PHE A 130 19.15 -6.94 15.16
CA PHE A 130 20.15 -6.22 14.42
C PHE A 130 19.89 -6.28 12.91
N ILE A 131 20.62 -5.44 12.17
CA ILE A 131 20.39 -5.29 10.74
C ILE A 131 21.16 -6.38 9.99
N ARG A 132 20.43 -7.23 9.25
CA ARG A 132 20.94 -8.25 8.35
C ARG A 132 20.12 -8.15 7.07
N PRO A 133 20.51 -8.79 5.96
CA PRO A 133 19.66 -8.77 4.76
C PRO A 133 18.40 -9.60 4.98
N ILE A 134 17.24 -8.97 4.84
CA ILE A 134 15.96 -9.66 4.94
C ILE A 134 15.65 -10.25 3.57
N PRO A 135 15.84 -11.56 3.37
CA PRO A 135 15.77 -12.11 2.00
C PRO A 135 14.46 -11.82 1.26
N THR A 136 13.35 -11.87 1.98
CA THR A 136 12.00 -11.65 1.40
C THR A 136 11.09 -10.95 2.39
N TRP A 137 10.07 -10.29 1.87
CA TRP A 137 9.05 -9.71 2.75
C TRP A 137 8.28 -10.77 3.52
N ASP A 138 8.36 -12.04 3.11
CA ASP A 138 7.79 -13.13 3.90
C ASP A 138 8.46 -13.25 5.27
N GLU A 139 9.74 -12.89 5.37
CA GLU A 139 10.43 -12.98 6.67
C GLU A 139 10.14 -11.79 7.57
N TRP A 140 9.41 -10.80 7.09
CA TRP A 140 8.95 -9.64 7.84
C TRP A 140 7.60 -9.94 8.48
N PRO A 141 7.41 -9.62 9.80
CA PRO A 141 6.12 -9.86 10.45
C PRO A 141 4.95 -9.48 9.56
N GLU A 142 4.01 -10.41 9.40
CA GLU A 142 2.86 -10.19 8.53
C GLU A 142 2.11 -8.92 8.89
N PHE A 143 1.91 -8.67 10.20
CA PHE A 143 1.04 -7.59 10.64
C PHE A 143 1.62 -6.22 10.33
N ALA A 144 2.91 -6.15 10.04
CA ALA A 144 3.62 -4.90 9.79
C ALA A 144 4.11 -4.78 8.34
N ARG A 145 3.82 -5.78 7.52
CA ARG A 145 4.26 -5.85 6.12
C ARG A 145 3.68 -4.70 5.30
N GLU A 146 2.35 -4.61 5.27
CA GLU A 146 1.66 -3.52 4.59
C GLU A 146 2.22 -2.14 4.96
N THR A 147 2.32 -1.87 6.26
CA THR A 147 2.73 -0.53 6.71
C THR A 147 4.15 -0.22 6.27
N PHE A 148 5.09 -1.13 6.51
CA PHE A 148 6.47 -0.80 6.18
C PHE A 148 6.67 -0.69 4.68
N GLN A 149 5.91 -1.45 3.89
CA GLN A 149 5.92 -1.26 2.44
C GLN A 149 5.42 0.13 2.09
N ALA A 150 4.38 0.61 2.79
CA ALA A 150 3.90 1.97 2.56
C ALA A 150 4.91 3.00 3.05
N PHE A 151 5.62 2.71 4.15
CA PHE A 151 6.66 3.62 4.62
C PHE A 151 7.70 3.89 3.53
N ARG A 152 8.00 2.88 2.73
CA ARG A 152 9.07 2.95 1.73
C ARG A 152 8.61 3.58 0.41
N THR A 153 7.89 4.70 0.49
CA THR A 153 7.53 5.50 -0.67
C THR A 153 7.70 6.95 -0.28
N THR A 154 7.80 7.83 -1.30
CA THR A 154 7.96 9.25 -1.01
C THR A 154 6.64 9.98 -0.84
N ASP A 155 5.51 9.36 -1.17
CA ASP A 155 4.28 10.11 -0.97
C ASP A 155 3.56 9.61 0.29
N VAL A 156 3.09 8.37 0.29
CA VAL A 156 2.37 7.86 1.45
C VAL A 156 3.30 7.75 2.65
N GLY A 157 4.51 7.23 2.44
CA GLY A 157 5.45 7.06 3.55
C GLY A 157 5.80 8.36 4.24
N ARG A 158 6.06 9.43 3.47
CA ARG A 158 6.37 10.71 4.09
C ARG A 158 5.15 11.31 4.76
N LYS A 159 3.97 11.14 4.18
CA LYS A 159 2.78 11.65 4.83
C LYS A 159 2.52 10.89 6.14
N LEU A 160 2.72 9.58 6.13
CA LEU A 160 2.55 8.80 7.36
C LEU A 160 3.59 9.21 8.42
N ILE A 161 4.88 9.21 8.05
CA ILE A 161 5.95 9.30 9.04
C ILE A 161 6.24 10.74 9.41
N ILE A 162 6.32 11.62 8.41
CA ILE A 162 6.68 13.01 8.66
C ILE A 162 5.46 13.86 9.02
N ASP A 163 4.41 13.83 8.18
CA ASP A 163 3.28 14.72 8.44
C ASP A 163 2.45 14.26 9.64
N GLN A 164 2.33 12.93 9.84
CA GLN A 164 1.43 12.40 10.83
C GLN A 164 2.11 11.77 12.04
N ASN A 165 3.44 11.65 12.03
CA ASN A 165 4.19 11.08 13.15
C ASN A 165 3.74 9.66 13.50
N VAL A 166 3.42 8.87 12.48
CA VAL A 166 2.90 7.53 12.74
C VAL A 166 3.98 6.61 13.31
N PHE A 167 5.23 6.80 12.90
CA PHE A 167 6.30 5.90 13.36
C PHE A 167 6.56 6.08 14.85
N ILE A 168 6.38 7.30 15.36
CA ILE A 168 6.47 7.53 16.80
C ILE A 168 5.17 7.12 17.49
N GLU A 169 4.03 7.63 17.01
CA GLU A 169 2.80 7.44 17.76
C GLU A 169 2.18 6.05 17.59
N TRP A 170 2.57 5.30 16.58
CA TRP A 170 1.93 4.01 16.36
C TRP A 170 2.94 2.87 16.29
N THR A 171 3.94 3.00 15.41
CA THR A 171 4.87 1.90 15.18
C THR A 171 5.65 1.58 16.44
N LEU A 172 6.17 2.62 17.09
CA LEU A 172 7.01 2.44 18.27
C LEU A 172 6.31 1.72 19.41
N PRO A 173 5.10 2.12 19.85
CA PRO A 173 4.41 1.33 20.89
C PRO A 173 4.01 -0.06 20.40
N MET A 174 4.05 -0.32 19.10
CA MET A 174 3.78 -1.66 18.60
C MET A 174 5.03 -2.47 18.33
N ALA A 175 6.21 -1.96 18.66
CA ALA A 175 7.45 -2.66 18.35
C ALA A 175 8.11 -3.26 19.59
N VAL A 176 7.40 -3.31 20.70
CA VAL A 176 7.94 -3.80 21.96
C VAL A 176 7.72 -5.30 22.05
N ALA A 177 6.45 -5.72 21.97
CA ALA A 177 6.07 -7.13 22.05
C ALA A 177 4.63 -7.25 21.56
N ARG A 178 4.14 -8.50 21.45
CA ARG A 178 2.81 -8.71 20.82
C ARG A 178 1.70 -9.29 21.71
N ALA A 179 2.04 -10.03 22.78
CA ALA A 179 0.96 -10.72 23.48
C ALA A 179 -0.10 -9.77 24.03
N ARG A 180 0.28 -8.53 24.38
CA ARG A 180 -0.67 -7.61 24.98
C ARG A 180 -1.82 -7.26 24.04
N ARG A 181 -1.59 -7.31 22.74
CA ARG A 181 -2.64 -7.02 21.75
C ARG A 181 -3.70 -8.12 21.82
N LYS A 182 -3.26 -9.35 21.97
CA LYS A 182 -4.17 -10.49 22.01
C LYS A 182 -4.96 -10.52 23.31
N TRP A 183 -4.28 -10.30 24.45
CA TRP A 183 -4.99 -10.21 25.72
C TRP A 183 -6.08 -9.16 25.66
N GLN A 184 -5.76 -7.97 25.13
CA GLN A 184 -6.72 -6.87 25.16
C GLN A 184 -7.85 -7.10 24.17
N LYS A 185 -7.54 -7.60 22.96
CA LYS A 185 -8.59 -7.96 22.01
C LYS A 185 -9.58 -8.94 22.63
N THR A 186 -9.09 -9.97 23.32
CA THR A 186 -10.02 -10.96 23.86
C THR A 186 -10.71 -10.47 25.13
N GLY A 187 -10.03 -9.65 25.96
CA GLY A 187 -10.69 -9.03 27.08
C GLY A 187 -11.82 -8.09 26.65
N HIS A 188 -11.58 -7.32 25.58
CA HIS A 188 -12.62 -6.46 25.02
C HIS A 188 -13.83 -7.27 24.55
N ALA A 189 -13.60 -8.34 23.77
CA ALA A 189 -14.69 -9.21 23.35
C ALA A 189 -15.43 -9.79 24.55
N VAL A 190 -14.72 -10.16 25.63
CA VAL A 190 -15.39 -10.70 26.80
C VAL A 190 -16.23 -9.62 27.49
N ARG A 191 -15.70 -8.40 27.57
CA ARG A 191 -16.51 -7.31 28.11
C ARG A 191 -17.68 -6.98 27.19
N ALA A 192 -17.49 -7.10 25.87
CA ALA A 192 -18.58 -6.87 24.91
C ALA A 192 -19.71 -7.87 25.12
N ILE A 193 -19.38 -9.16 25.23
CA ILE A 193 -20.37 -10.18 25.56
C ILE A 193 -21.18 -9.77 26.79
N GLY A 194 -20.48 -9.35 27.84
CA GLY A 194 -21.18 -8.94 29.04
C GLY A 194 -22.09 -7.76 28.80
N ARG A 195 -21.59 -6.73 28.12
CA ARG A 195 -22.40 -5.54 27.89
C ARG A 195 -23.66 -5.86 27.07
N LEU A 196 -23.57 -6.83 26.14
CA LEU A 196 -24.76 -7.24 25.40
C LEU A 196 -25.82 -7.82 26.33
N SER A 197 -25.41 -8.55 27.37
CA SER A 197 -26.34 -9.14 28.32
C SER A 197 -26.52 -8.25 29.55
N SER A 207 -23.47 6.52 34.32
CA SER A 207 -24.03 5.66 33.28
C SER A 207 -25.22 6.37 32.60
N GLY A 208 -25.23 6.33 31.26
CA GLY A 208 -26.16 7.09 30.46
C GLY A 208 -25.38 7.76 29.34
N GLY A 209 -25.57 7.33 28.10
CA GLY A 209 -24.79 7.88 27.01
C GLY A 209 -23.45 7.18 26.81
N SER A 210 -22.68 7.73 25.88
CA SER A 210 -21.43 7.11 25.45
C SER A 210 -20.42 8.20 25.15
N ASP A 211 -19.14 7.88 25.33
CA ASP A 211 -18.06 8.81 25.00
C ASP A 211 -17.85 8.84 23.50
N GLN A 212 -17.25 9.93 23.02
CA GLN A 212 -16.70 9.95 21.69
C GLN A 212 -15.25 9.48 21.78
N LEU A 213 -14.95 8.36 21.13
CA LEU A 213 -13.65 7.73 21.25
C LEU A 213 -12.63 8.36 20.32
N THR A 214 -11.38 8.38 20.78
CA THR A 214 -10.25 8.72 19.93
C THR A 214 -10.06 7.68 18.82
N GLU A 215 -9.31 8.07 17.79
CA GLU A 215 -8.99 7.13 16.72
C GLU A 215 -8.17 5.95 17.21
N GLU A 216 -7.44 6.11 18.32
CA GLU A 216 -6.66 5.00 18.86
C GLU A 216 -7.54 4.01 19.60
N GLN A 217 -8.55 4.50 20.33
CA GLN A 217 -9.50 3.61 21.00
C GLN A 217 -10.34 2.85 20.00
N ILE A 218 -10.66 3.48 18.86
CA ILE A 218 -11.54 2.85 17.89
C ILE A 218 -10.84 1.65 17.26
N ALA A 219 -9.56 1.80 16.92
CA ALA A 219 -8.83 0.70 16.30
C ALA A 219 -8.63 -0.46 17.26
N GLU A 220 -8.50 -0.17 18.57
CA GLU A 220 -8.39 -1.24 19.54
C GLU A 220 -9.64 -2.11 19.55
N PHE A 221 -10.80 -1.50 19.33
CA PHE A 221 -12.05 -2.25 19.28
C PHE A 221 -12.28 -2.88 17.91
N LYS A 222 -11.46 -2.54 16.91
CA LYS A 222 -11.63 -3.14 15.59
C LYS A 222 -11.31 -4.63 15.61
N GLU A 223 -10.23 -5.00 16.30
CA GLU A 223 -9.87 -6.41 16.44
C GLU A 223 -10.97 -7.17 17.18
N ALA A 224 -11.50 -6.58 18.25
CA ALA A 224 -12.55 -7.23 19.03
C ALA A 224 -13.80 -7.46 18.17
N PHE A 225 -14.14 -6.47 17.33
CA PHE A 225 -15.27 -6.59 16.41
C PHE A 225 -15.07 -7.78 15.47
N SER A 226 -13.85 -7.96 14.96
CA SER A 226 -13.62 -9.01 13.97
C SER A 226 -13.93 -10.39 14.54
N LEU A 227 -13.74 -10.57 15.85
CA LEU A 227 -14.07 -11.86 16.51
C LEU A 227 -15.56 -12.19 16.33
N PHE A 228 -16.43 -11.18 16.35
CA PHE A 228 -17.86 -11.45 16.21
C PHE A 228 -18.27 -11.54 14.75
N ASP A 229 -17.68 -10.69 13.90
CA ASP A 229 -18.07 -10.62 12.49
C ASP A 229 -17.30 -11.69 11.71
N LYS A 230 -17.74 -12.93 11.92
CA LYS A 230 -17.04 -14.08 11.38
C LYS A 230 -16.82 -13.98 9.87
N ASP A 231 -17.82 -13.52 9.12
CA ASP A 231 -17.70 -13.47 7.66
C ASP A 231 -17.11 -12.15 7.16
N GLY A 232 -16.78 -11.22 8.05
CA GLY A 232 -16.10 -10.00 7.65
C GLY A 232 -16.93 -8.99 6.87
N ASP A 233 -18.24 -9.18 6.77
CA ASP A 233 -19.07 -8.29 5.97
C ASP A 233 -19.38 -6.97 6.66
N GLY A 234 -18.84 -6.75 7.86
CA GLY A 234 -19.02 -5.48 8.55
C GLY A 234 -20.20 -5.40 9.49
N THR A 235 -20.95 -6.50 9.68
CA THR A 235 -22.08 -6.53 10.58
C THR A 235 -22.05 -7.81 11.41
N ILE A 236 -22.57 -7.72 12.63
CA ILE A 236 -22.74 -8.88 13.50
C ILE A 236 -24.20 -9.28 13.46
N THR A 237 -24.47 -10.52 13.07
CA THR A 237 -25.83 -11.00 12.93
C THR A 237 -26.21 -11.88 14.11
N THR A 238 -27.50 -12.21 14.15
CA THR A 238 -28.03 -13.24 15.04
C THR A 238 -27.14 -14.47 15.05
N LYS A 239 -26.75 -14.95 13.87
CA LYS A 239 -26.05 -16.22 13.76
C LYS A 239 -24.61 -16.07 14.20
N GLU A 240 -23.99 -14.93 13.89
CA GLU A 240 -22.61 -14.69 14.29
C GLU A 240 -22.50 -14.56 15.81
N LEU A 241 -23.40 -13.79 16.42
CA LEU A 241 -23.40 -13.69 17.89
C LEU A 241 -23.72 -15.03 18.54
N GLY A 242 -24.56 -15.85 17.90
CA GLY A 242 -24.89 -17.13 18.49
C GLY A 242 -23.73 -18.09 18.47
N THR A 243 -22.99 -18.11 17.38
CA THR A 243 -21.73 -18.86 17.31
C THR A 243 -20.80 -18.49 18.46
N VAL A 244 -20.52 -17.20 18.61
CA VAL A 244 -19.64 -16.73 19.69
C VAL A 244 -20.19 -17.18 21.05
N MET A 245 -21.44 -16.77 21.35
CA MET A 245 -22.04 -17.09 22.63
C MET A 245 -22.07 -18.60 22.88
N ARG A 246 -22.20 -19.38 21.82
CA ARG A 246 -22.20 -20.83 21.96
C ARG A 246 -20.89 -21.32 22.58
N SER A 247 -19.77 -20.99 21.92
CA SER A 247 -18.48 -21.52 22.35
C SER A 247 -18.17 -21.19 23.80
N LEU A 248 -18.68 -20.05 24.28
CA LEU A 248 -18.35 -19.57 25.64
C LEU A 248 -19.08 -20.34 26.75
N GLY A 249 -20.01 -21.23 26.41
CA GLY A 249 -20.79 -21.95 27.44
C GLY A 249 -22.02 -21.20 27.92
N GLN A 250 -22.22 -19.96 27.47
CA GLN A 250 -23.45 -19.20 27.80
C GLN A 250 -24.38 -19.39 26.62
N ASN A 251 -25.12 -20.50 26.61
CA ASN A 251 -25.96 -20.81 25.43
C ASN A 251 -27.36 -20.18 25.59
N PRO A 252 -27.76 -19.27 24.68
CA PRO A 252 -29.06 -18.57 24.77
C PRO A 252 -29.97 -18.81 23.56
N THR A 253 -31.05 -18.04 23.40
CA THR A 253 -32.05 -18.30 22.33
C THR A 253 -32.00 -17.30 21.17
N GLU A 254 -32.53 -17.66 20.01
CA GLU A 254 -32.64 -16.71 18.90
C GLU A 254 -33.44 -15.47 19.31
N ALA A 255 -34.45 -15.65 20.16
CA ALA A 255 -35.12 -14.50 20.76
C ALA A 255 -34.18 -13.72 21.67
N GLU A 256 -33.37 -14.43 22.49
CA GLU A 256 -32.39 -13.73 23.31
C GLU A 256 -31.36 -13.02 22.44
N LEU A 257 -30.87 -13.72 21.41
CA LEU A 257 -29.90 -13.12 20.49
C LEU A 257 -30.46 -11.87 19.81
N GLN A 258 -31.73 -11.90 19.41
CA GLN A 258 -32.30 -10.72 18.74
C GLN A 258 -32.47 -9.57 19.72
N ASP A 259 -33.02 -9.85 20.91
CA ASP A 259 -33.17 -8.78 21.89
C ASP A 259 -31.82 -8.15 22.25
N MET A 260 -30.78 -8.99 22.42
CA MET A 260 -29.44 -8.47 22.66
C MET A 260 -29.01 -7.54 21.54
N ILE A 261 -29.16 -7.99 20.29
CA ILE A 261 -28.78 -7.17 19.15
C ILE A 261 -29.63 -5.90 19.10
N ASN A 262 -30.92 -6.02 19.42
CA ASN A 262 -31.83 -4.88 19.31
C ASN A 262 -31.45 -3.73 20.25
N GLU A 263 -30.95 -4.02 21.45
CA GLU A 263 -30.57 -2.95 22.37
C GLU A 263 -29.44 -2.09 21.81
N VAL A 264 -28.65 -2.61 20.88
CA VAL A 264 -27.48 -1.86 20.34
C VAL A 264 -27.74 -1.44 18.88
N ASP A 265 -28.74 -2.02 18.23
CA ASP A 265 -29.14 -1.72 16.86
C ASP A 265 -29.74 -0.31 16.74
N ALA A 266 -28.90 0.70 16.48
CA ALA A 266 -29.39 2.07 16.45
C ALA A 266 -30.27 2.32 15.23
N ASP A 267 -29.91 1.75 14.09
CA ASP A 267 -30.60 1.96 12.82
C ASP A 267 -31.74 0.98 12.58
N GLY A 268 -31.98 0.02 13.48
CA GLY A 268 -33.12 -0.87 13.39
C GLY A 268 -33.03 -1.99 12.36
N ASN A 269 -31.90 -2.12 11.65
CA ASN A 269 -31.79 -3.09 10.57
C ASN A 269 -31.58 -4.53 11.04
N GLY A 270 -31.61 -4.80 12.34
CA GLY A 270 -31.49 -6.16 12.84
C GLY A 270 -30.07 -6.68 13.04
N THR A 271 -29.06 -5.98 12.53
CA THR A 271 -27.66 -6.35 12.71
C THR A 271 -26.89 -5.22 13.40
N ILE A 272 -25.71 -5.55 13.91
CA ILE A 272 -24.84 -4.60 14.60
C ILE A 272 -23.70 -4.24 13.66
N ASP A 273 -23.63 -2.98 13.24
CA ASP A 273 -22.45 -2.57 12.48
C ASP A 273 -21.37 -2.05 13.44
N PHE A 274 -20.22 -1.74 12.87
CA PHE A 274 -19.11 -1.30 13.69
C PHE A 274 -19.40 -0.01 14.48
N PRO A 275 -20.07 1.00 13.92
CA PRO A 275 -20.40 2.17 14.76
C PRO A 275 -21.30 1.85 15.94
N GLU A 276 -22.27 0.95 15.75
CA GLU A 276 -23.13 0.62 16.88
C GLU A 276 -22.35 -0.15 17.95
N PHE A 277 -21.44 -1.01 17.51
CA PHE A 277 -20.56 -1.72 18.44
C PHE A 277 -19.70 -0.74 19.23
N LEU A 278 -19.18 0.29 18.56
CA LEU A 278 -18.39 1.32 19.22
C LEU A 278 -19.19 2.04 20.30
N THR A 279 -20.46 2.37 20.02
CA THR A 279 -21.24 3.11 21.01
C THR A 279 -21.47 2.27 22.26
N MET A 280 -21.68 0.97 22.09
CA MET A 280 -21.81 0.08 23.24
C MET A 280 -20.51 -0.01 24.02
N MET A 281 -19.38 -0.15 23.31
CA MET A 281 -18.09 -0.22 23.99
C MET A 281 -17.65 1.12 24.56
N ALA A 282 -18.34 2.22 24.23
CA ALA A 282 -18.00 3.54 24.75
C ALA A 282 -18.95 4.00 25.86
N ARG A 283 -19.80 3.11 26.35
CA ARG A 283 -20.76 3.50 27.37
C ARG A 283 -20.08 4.12 28.57
N LYS A 284 -20.69 5.17 29.11
CA LYS A 284 -20.21 5.80 30.33
C LYS A 284 -20.67 5.01 31.54
N MET A 285 -19.83 4.96 32.57
CA MET A 285 -20.18 4.35 33.84
C MET A 285 -19.16 4.75 34.88
N LYS A 286 -19.54 4.60 36.16
CA LYS A 286 -18.60 4.81 37.25
C LYS A 286 -17.40 3.90 37.10
N ASP A 287 -16.26 4.37 37.62
CA ASP A 287 -15.03 3.57 37.60
C ASP A 287 -15.24 2.22 38.27
N THR A 288 -16.01 2.16 39.35
CA THR A 288 -16.17 0.90 40.06
C THR A 288 -16.96 -0.11 39.24
N ASP A 289 -17.84 0.34 38.34
CA ASP A 289 -18.49 -0.58 37.43
C ASP A 289 -17.57 -0.96 36.28
N SER A 290 -16.68 -0.05 35.86
CA SER A 290 -15.61 -0.44 34.96
C SER A 290 -14.75 -1.55 35.57
N GLU A 291 -14.39 -1.40 36.84
CA GLU A 291 -13.59 -2.42 37.51
C GLU A 291 -14.34 -3.75 37.62
N GLU A 292 -15.65 -3.71 37.92
CA GLU A 292 -16.41 -4.95 37.99
C GLU A 292 -16.40 -5.70 36.67
N GLU A 293 -16.38 -4.99 35.55
CA GLU A 293 -16.30 -5.66 34.24
C GLU A 293 -15.00 -6.44 34.10
N ILE A 294 -13.90 -5.87 34.60
CA ILE A 294 -12.61 -6.54 34.45
C ILE A 294 -12.53 -7.72 35.42
N ARG A 295 -13.07 -7.56 36.62
CA ARG A 295 -13.13 -8.70 37.57
C ARG A 295 -13.94 -9.82 36.93
N GLU A 296 -15.04 -9.48 36.26
CA GLU A 296 -15.90 -10.49 35.63
C GLU A 296 -15.19 -11.17 34.46
N ALA A 297 -14.37 -10.42 33.70
CA ALA A 297 -13.62 -11.04 32.63
C ALA A 297 -12.57 -12.01 33.18
N PHE A 298 -11.91 -11.62 34.28
CA PHE A 298 -10.94 -12.51 34.91
C PHE A 298 -11.61 -13.81 35.35
N ARG A 299 -12.81 -13.72 35.92
CA ARG A 299 -13.48 -14.94 36.34
C ARG A 299 -13.82 -15.82 35.15
N VAL A 300 -14.07 -15.21 33.98
CA VAL A 300 -14.34 -15.99 32.76
C VAL A 300 -13.08 -16.73 32.30
N PHE A 301 -11.93 -16.05 32.33
CA PHE A 301 -10.66 -16.71 32.03
C PHE A 301 -10.31 -17.77 33.07
N ASP A 302 -10.62 -17.51 34.35
CA ASP A 302 -10.22 -18.36 35.47
C ASP A 302 -11.31 -19.40 35.71
N LYS A 303 -11.34 -20.42 34.84
CA LYS A 303 -12.45 -21.37 34.79
C LYS A 303 -12.71 -22.01 36.15
N ASP A 304 -11.66 -22.49 36.82
CA ASP A 304 -11.90 -23.17 38.08
C ASP A 304 -12.03 -22.23 39.27
N GLY A 305 -11.87 -20.92 39.05
CA GLY A 305 -12.03 -19.95 40.12
C GLY A 305 -11.05 -20.09 41.27
N ASN A 306 -9.82 -20.53 41.01
CA ASN A 306 -8.81 -20.63 42.07
C ASN A 306 -7.95 -19.38 42.18
N GLY A 307 -8.23 -18.36 41.40
CA GLY A 307 -7.48 -17.12 41.46
C GLY A 307 -6.32 -17.00 40.50
N TYR A 308 -6.03 -18.04 39.71
CA TYR A 308 -4.93 -17.99 38.77
C TYR A 308 -5.37 -18.51 37.42
N ILE A 309 -5.04 -17.81 36.35
CA ILE A 309 -5.30 -18.29 35.00
C ILE A 309 -4.13 -19.18 34.58
N SER A 310 -4.41 -20.47 34.43
CA SER A 310 -3.38 -21.40 33.99
C SER A 310 -3.25 -21.38 32.46
N ALA A 311 -2.15 -21.96 31.98
CA ALA A 311 -1.93 -22.11 30.55
C ALA A 311 -3.04 -22.92 29.90
N ALA A 312 -3.51 -23.97 30.58
CA ALA A 312 -4.60 -24.78 30.02
C ALA A 312 -5.92 -24.01 30.01
N GLU A 313 -6.21 -23.27 31.08
CA GLU A 313 -7.40 -22.43 31.09
C GLU A 313 -7.36 -21.39 29.97
N LEU A 314 -6.19 -20.77 29.78
CA LEU A 314 -6.07 -19.79 28.70
C LEU A 314 -6.39 -20.43 27.35
N ARG A 315 -5.88 -21.64 27.11
CA ARG A 315 -6.15 -22.32 25.84
CA ARG A 315 -6.15 -22.34 25.86
C ARG A 315 -7.66 -22.48 25.63
N HIS A 316 -8.40 -22.82 26.69
CA HIS A 316 -9.83 -23.07 26.56
C HIS A 316 -10.59 -21.79 26.23
N VAL A 317 -10.31 -20.68 26.94
CA VAL A 317 -11.03 -19.45 26.65
C VAL A 317 -10.63 -18.87 25.30
N MET A 318 -9.36 -19.01 24.89
CA MET A 318 -8.96 -18.51 23.59
C MET A 318 -9.70 -19.23 22.46
N THR A 319 -9.82 -20.56 22.56
CA THR A 319 -10.58 -21.30 21.58
C THR A 319 -12.06 -20.94 21.66
N ASN A 320 -12.62 -20.86 22.87
CA ASN A 320 -14.02 -20.50 23.03
C ASN A 320 -14.32 -19.09 22.56
N LEU A 321 -13.29 -18.26 22.40
CA LEU A 321 -13.44 -16.96 21.74
C LEU A 321 -13.08 -16.99 20.26
N GLY A 322 -12.68 -18.13 19.71
CA GLY A 322 -12.41 -18.22 18.29
C GLY A 322 -10.97 -18.04 17.86
N GLU A 323 -10.02 -17.98 18.80
CA GLU A 323 -8.63 -17.97 18.41
C GLU A 323 -8.16 -19.41 18.19
N LYS A 324 -7.08 -19.56 17.42
CA LYS A 324 -6.47 -20.87 17.16
C LYS A 324 -4.97 -20.77 17.43
N LEU A 325 -4.62 -20.66 18.72
CA LEU A 325 -3.26 -20.34 19.13
C LEU A 325 -2.37 -21.58 19.17
N THR A 326 -1.18 -21.48 18.57
CA THR A 326 -0.16 -22.50 18.78
C THR A 326 0.33 -22.51 20.22
N ASP A 327 1.00 -23.59 20.59
CA ASP A 327 1.55 -23.69 21.93
C ASP A 327 2.56 -22.57 22.21
N GLU A 328 3.32 -22.18 21.19
CA GLU A 328 4.27 -21.08 21.35
C GLU A 328 3.55 -19.78 21.64
N GLU A 329 2.43 -19.53 20.95
CA GLU A 329 1.66 -18.32 21.20
C GLU A 329 1.04 -18.31 22.59
N VAL A 330 0.58 -19.46 23.07
CA VAL A 330 0.03 -19.54 24.43
C VAL A 330 1.12 -19.22 25.45
N ASP A 331 2.26 -19.92 25.35
CA ASP A 331 3.39 -19.67 26.24
C ASP A 331 3.76 -18.19 26.26
N GLU A 332 3.74 -17.57 25.09
CA GLU A 332 4.09 -16.16 24.98
C GLU A 332 3.13 -15.28 25.79
N MET A 333 1.82 -15.57 25.70
CA MET A 333 0.84 -14.78 26.44
C MET A 333 1.03 -14.93 27.95
N ILE A 334 1.27 -16.15 28.42
CA ILE A 334 1.51 -16.37 29.84
C ILE A 334 2.77 -15.62 30.29
N ARG A 335 3.87 -15.82 29.57
CA ARG A 335 5.16 -15.27 29.98
C ARG A 335 5.17 -13.75 29.93
N GLU A 336 4.41 -13.14 29.03
CA GLU A 336 4.32 -11.70 29.05
C GLU A 336 3.51 -11.21 30.25
N ALA A 337 2.59 -12.03 30.75
CA ALA A 337 1.73 -11.61 31.84
C ALA A 337 2.31 -11.95 33.20
N ASP A 338 3.27 -12.85 33.26
CA ASP A 338 3.70 -13.48 34.49
C ASP A 338 4.80 -12.63 35.13
N ILE A 339 4.37 -11.59 35.85
CA ILE A 339 5.33 -10.71 36.52
C ILE A 339 6.09 -11.48 37.60
N ASP A 340 5.36 -12.16 38.48
CA ASP A 340 5.99 -12.82 39.61
C ASP A 340 6.55 -14.20 39.26
N GLY A 341 6.43 -14.63 38.01
CA GLY A 341 7.17 -15.79 37.53
C GLY A 341 6.67 -17.14 37.96
N ASP A 342 5.41 -17.25 38.38
CA ASP A 342 4.87 -18.54 38.84
C ASP A 342 4.23 -19.35 37.72
N GLY A 343 4.35 -18.91 36.48
CA GLY A 343 3.81 -19.62 35.34
C GLY A 343 2.32 -19.48 35.13
N GLN A 344 1.64 -18.73 36.00
CA GLN A 344 0.20 -18.48 35.88
C GLN A 344 -0.04 -16.98 36.02
N VAL A 345 -1.29 -16.57 35.82
CA VAL A 345 -1.62 -15.15 35.78
C VAL A 345 -2.65 -14.88 36.87
N ASN A 346 -2.26 -14.09 37.88
CA ASN A 346 -3.19 -13.69 38.93
C ASN A 346 -3.92 -12.42 38.49
N TYR A 347 -4.82 -11.93 39.35
CA TYR A 347 -5.67 -10.81 38.96
C TYR A 347 -4.86 -9.55 38.70
N GLU A 348 -3.83 -9.29 39.50
CA GLU A 348 -3.01 -8.10 39.29
C GLU A 348 -2.27 -8.15 37.95
N GLU A 349 -1.75 -9.33 37.60
CA GLU A 349 -1.10 -9.47 36.30
C GLU A 349 -2.12 -9.35 35.17
N PHE A 350 -3.33 -9.88 35.38
CA PHE A 350 -4.39 -9.75 34.40
C PHE A 350 -4.69 -8.28 34.14
N VAL A 351 -4.85 -7.50 35.21
CA VAL A 351 -5.22 -6.10 35.09
C VAL A 351 -4.17 -5.34 34.28
N GLN A 352 -2.89 -5.56 34.58
CA GLN A 352 -1.84 -4.84 33.86
C GLN A 352 -1.87 -5.16 32.38
N MET A 353 -2.10 -6.43 32.04
CA MET A 353 -2.18 -6.85 30.64
C MET A 353 -3.36 -6.19 29.94
N MET A 354 -4.49 -6.05 30.65
CA MET A 354 -5.70 -5.55 30.02
C MET A 354 -5.72 -4.03 29.92
N THR A 355 -5.08 -3.31 30.84
CA THR A 355 -5.31 -1.88 30.95
C THR A 355 -4.09 -1.00 30.68
N ALA A 356 -2.92 -1.57 30.41
CA ALA A 356 -1.70 -0.78 30.30
C ALA A 356 -1.04 -1.01 28.95
N LYS A 357 -0.43 0.03 28.40
CA LYS A 357 0.39 -0.12 27.20
C LYS A 357 1.83 -0.50 27.57
N TYR A 358 2.59 -0.93 26.57
CA TYR A 358 3.95 -1.38 26.85
C TYR A 358 4.83 -0.23 27.35
N LEU A 359 4.54 0.99 26.91
CA LEU A 359 5.34 2.16 27.25
C LEU A 359 4.44 3.20 27.89
N THR A 360 4.78 3.58 29.12
CA THR A 360 4.07 4.62 29.83
C THR A 360 4.07 5.93 29.04
N GLU A 361 3.18 6.84 29.45
CA GLU A 361 3.15 8.16 28.85
C GLU A 361 4.47 8.91 29.10
N VAL A 362 4.99 8.85 30.33
CA VAL A 362 6.29 9.45 30.60
C VAL A 362 7.35 8.88 29.66
N GLU A 363 7.29 7.58 29.37
CA GLU A 363 8.27 6.97 28.46
C GLU A 363 8.03 7.41 27.02
N MET A 364 6.77 7.57 26.61
CA MET A 364 6.44 8.04 25.23
C MET A 364 6.93 9.49 25.06
N ASP A 365 6.76 10.31 26.08
CA ASP A 365 7.16 11.71 25.94
C ASP A 365 8.67 11.85 25.75
N HIS A 366 9.48 10.97 26.36
CA HIS A 366 10.92 10.99 26.10
C HIS A 366 11.24 10.59 24.66
N TYR A 367 10.54 9.57 24.14
CA TYR A 367 10.72 9.19 22.74
C TYR A 367 10.16 10.25 21.80
N ARG A 368 9.10 10.97 22.21
CA ARG A 368 8.48 11.97 21.34
C ARG A 368 9.32 13.23 21.23
N GLU A 369 10.00 13.58 22.33
CA GLU A 369 10.63 14.89 22.50
C GLU A 369 11.53 15.34 21.36
N PRO A 370 12.37 14.49 20.73
CA PRO A 370 13.19 14.97 19.62
C PRO A 370 12.40 15.29 18.35
N PHE A 371 11.14 14.88 18.25
CA PHE A 371 10.47 14.91 16.96
C PHE A 371 9.14 15.66 17.03
N LEU A 372 9.02 16.61 17.96
CA LEU A 372 7.79 17.39 18.05
C LEU A 372 7.57 18.25 16.81
N ASN A 373 8.68 18.70 16.11
CA ASN A 373 8.61 19.46 14.86
C ASN A 373 8.65 18.53 13.67
N PRO A 374 7.67 18.59 12.76
CA PRO A 374 7.70 17.68 11.60
C PRO A 374 8.93 17.84 10.74
N VAL A 375 9.52 19.04 10.67
CA VAL A 375 10.71 19.23 9.85
C VAL A 375 11.91 18.49 10.42
N ASP A 376 11.80 17.98 11.65
CA ASP A 376 12.86 17.22 12.27
C ASP A 376 12.69 15.71 12.12
N ARG A 377 11.73 15.25 11.32
CA ARG A 377 11.40 13.83 11.30
C ARG A 377 12.02 13.10 10.11
N GLU A 378 12.89 13.76 9.35
CA GLU A 378 13.52 13.09 8.21
C GLU A 378 14.18 11.75 8.56
N PRO A 379 14.99 11.62 9.63
CA PRO A 379 15.61 10.30 9.87
C PRO A 379 14.59 9.21 10.14
N LEU A 380 13.42 9.59 10.67
CA LEU A 380 12.38 8.61 10.94
C LEU A 380 11.86 7.97 9.67
N TRP A 381 11.88 8.73 8.57
CA TRP A 381 11.43 8.22 7.28
C TRP A 381 12.56 7.59 6.49
N ARG A 382 13.76 8.19 6.52
CA ARG A 382 14.87 7.66 5.72
C ARG A 382 15.29 6.28 6.21
N PHE A 383 15.33 6.08 7.53
CA PHE A 383 15.77 4.80 8.08
C PHE A 383 15.00 3.59 7.56
N PRO A 384 13.65 3.54 7.63
CA PRO A 384 12.96 2.39 7.02
C PRO A 384 13.16 2.30 5.51
N ASN A 385 13.49 3.41 4.85
CA ASN A 385 13.77 3.34 3.42
C ASN A 385 15.16 2.81 3.11
N GLU A 386 16.00 2.65 4.14
CA GLU A 386 17.32 2.05 4.00
C GLU A 386 17.34 0.58 4.37
N LEU A 387 16.27 0.07 4.98
CA LEU A 387 16.30 -1.31 5.49
C LEU A 387 16.59 -2.29 4.36
N PRO A 388 17.54 -3.20 4.51
CA PRO A 388 17.83 -4.15 3.43
C PRO A 388 16.81 -5.28 3.35
N ILE A 389 15.78 -5.11 2.52
CA ILE A 389 14.64 -6.04 2.46
C ILE A 389 14.39 -6.42 1.02
N ALA A 390 14.40 -7.73 0.73
CA ALA A 390 14.14 -8.22 -0.63
C ALA A 390 15.12 -7.60 -1.61
N GLY A 391 16.37 -7.42 -1.19
CA GLY A 391 17.40 -6.91 -2.05
C GLY A 391 17.39 -5.41 -2.30
N GLU A 392 16.48 -4.65 -1.65
CA GLU A 392 16.51 -3.19 -1.82
C GLU A 392 16.67 -2.49 -0.46
N PRO A 393 17.43 -1.38 -0.39
CA PRO A 393 18.31 -0.81 -1.43
C PRO A 393 19.52 -1.70 -1.65
N ALA A 394 20.04 -1.76 -2.87
CA ALA A 394 21.10 -2.72 -3.16
C ALA A 394 22.44 -2.32 -2.56
N ASN A 395 22.72 -1.02 -2.41
CA ASN A 395 23.99 -0.64 -1.78
C ASN A 395 24.00 -0.99 -0.31
N ILE A 396 22.88 -0.79 0.40
CA ILE A 396 22.80 -1.17 1.81
C ILE A 396 22.89 -2.68 1.96
N VAL A 397 22.17 -3.41 1.12
CA VAL A 397 22.26 -4.87 1.11
C VAL A 397 23.71 -5.30 0.93
N ALA A 398 24.41 -4.68 -0.02
CA ALA A 398 25.81 -5.04 -0.25
C ALA A 398 26.65 -4.75 0.98
N LEU A 399 26.44 -3.58 1.59
CA LEU A 399 27.24 -3.20 2.77
C LEU A 399 26.99 -4.15 3.93
N VAL A 400 25.73 -4.52 4.17
CA VAL A 400 25.40 -5.40 5.30
C VAL A 400 25.92 -6.81 5.05
N GLU A 401 25.80 -7.29 3.80
CA GLU A 401 26.37 -8.59 3.47
C GLU A 401 27.86 -8.66 3.77
N GLU A 402 28.60 -7.56 3.53
CA GLU A 402 30.04 -7.56 3.75
C GLU A 402 30.38 -7.74 5.22
N TYR A 403 29.64 -7.08 6.13
CA TYR A 403 30.00 -7.22 7.55
C TYR A 403 29.46 -8.51 8.14
N MET A 404 28.37 -9.04 7.56
CA MET A 404 27.93 -10.39 7.95
C MET A 404 28.97 -11.43 7.54
N ASP A 405 29.65 -11.23 6.42
CA ASP A 405 30.73 -12.17 6.01
C ASP A 405 31.88 -12.01 7.00
N TRP A 406 32.25 -10.76 7.26
CA TRP A 406 33.29 -10.53 8.28
C TRP A 406 32.91 -11.17 9.60
N LEU A 407 31.67 -10.95 10.05
CA LEU A 407 31.22 -11.48 11.33
C LEU A 407 31.35 -13.00 11.37
N HIS A 408 31.08 -13.68 10.26
CA HIS A 408 31.13 -15.13 10.25
C HIS A 408 32.56 -15.64 10.35
N GLN A 409 33.52 -14.86 9.87
CA GLN A 409 34.91 -15.27 9.88
C GLN A 409 35.70 -14.73 11.07
N SER A 410 35.12 -13.82 11.85
CA SER A 410 35.89 -13.12 12.88
C SER A 410 35.90 -13.90 14.19
N PRO A 411 37.02 -13.86 14.91
CA PRO A 411 37.07 -14.47 16.25
C PRO A 411 36.57 -13.58 17.38
N VAL A 412 36.11 -12.36 17.11
CA VAL A 412 35.63 -11.44 18.15
C VAL A 412 34.59 -12.12 19.05
N PRO A 413 34.67 -11.99 20.37
CA PRO A 413 33.59 -12.49 21.22
C PRO A 413 32.27 -11.82 20.88
N LYS A 414 31.21 -12.61 20.80
CA LYS A 414 29.90 -12.12 20.39
C LYS A 414 28.84 -12.61 21.37
N LEU A 415 27.85 -11.74 21.64
CA LEU A 415 26.75 -12.06 22.53
C LEU A 415 25.45 -11.64 21.86
N LEU A 416 24.57 -12.60 21.63
CA LEU A 416 23.36 -12.38 20.84
C LEU A 416 22.13 -12.49 21.72
N PHE A 417 21.31 -11.44 21.73
CA PHE A 417 20.03 -11.45 22.43
C PHE A 417 18.90 -11.55 21.43
N TRP A 418 17.89 -12.36 21.75
CA TRP A 418 16.77 -12.53 20.82
C TRP A 418 15.49 -12.84 21.59
N GLY A 419 14.36 -12.47 21.00
CA GLY A 419 13.06 -12.76 21.57
C GLY A 419 12.14 -13.35 20.51
N THR A 420 10.94 -13.73 20.98
CA THR A 420 9.92 -14.33 20.15
C THR A 420 8.70 -13.41 20.09
N PRO A 421 8.21 -13.08 18.89
CA PRO A 421 8.65 -13.51 17.57
C PRO A 421 9.83 -12.78 16.96
N GLY A 422 10.28 -11.67 17.57
CA GLY A 422 11.26 -10.82 16.93
C GLY A 422 10.68 -10.05 15.75
N VAL A 423 11.53 -9.25 15.11
CA VAL A 423 11.14 -8.52 13.90
C VAL A 423 12.25 -8.66 12.89
N LEU A 424 13.41 -8.07 13.18
CA LEU A 424 14.56 -8.18 12.30
C LEU A 424 15.15 -9.58 12.34
N ILE A 425 15.13 -10.21 13.52
CA ILE A 425 15.83 -11.45 13.81
C ILE A 425 14.82 -12.49 14.31
N PRO A 426 14.25 -13.30 13.43
CA PRO A 426 13.35 -14.37 13.89
C PRO A 426 14.09 -15.42 14.70
N PRO A 427 13.38 -16.16 15.56
CA PRO A 427 14.04 -17.18 16.40
C PRO A 427 14.83 -18.21 15.63
N ALA A 428 14.37 -18.61 14.44
CA ALA A 428 15.12 -19.57 13.63
C ALA A 428 16.40 -18.95 13.09
N GLU A 429 16.34 -17.67 12.69
CA GLU A 429 17.54 -16.93 12.32
C GLU A 429 18.51 -16.83 13.49
N ALA A 430 18.01 -16.56 14.71
CA ALA A 430 18.89 -16.51 15.87
C ALA A 430 19.58 -17.85 16.07
N ALA A 431 18.87 -18.94 15.80
CA ALA A 431 19.46 -20.27 15.94
C ALA A 431 20.59 -20.47 14.94
N ARG A 432 20.31 -20.16 13.66
CA ARG A 432 21.35 -20.24 12.64
C ARG A 432 22.60 -19.48 13.07
N LEU A 433 22.42 -18.22 13.46
CA LEU A 433 23.58 -17.39 13.83
C LEU A 433 24.29 -17.91 15.06
N ALA A 434 23.53 -18.40 16.05
CA ALA A 434 24.15 -18.93 17.26
C ALA A 434 25.12 -20.05 16.96
N LYS A 435 24.85 -20.83 15.91
CA LYS A 435 25.67 -21.97 15.58
C LYS A 435 26.80 -21.62 14.62
N SER A 436 26.55 -20.70 13.68
CA SER A 436 27.56 -20.37 12.69
C SER A 436 28.40 -19.16 13.07
N LEU A 437 28.00 -18.39 14.09
CA LEU A 437 29.01 -17.37 14.37
C LEU A 437 30.07 -17.93 15.31
N PRO A 438 31.35 -17.65 15.08
CA PRO A 438 32.38 -18.10 16.02
C PRO A 438 32.26 -17.35 17.35
N ASN A 439 32.64 -18.06 18.42
CA ASN A 439 32.68 -17.53 19.79
C ASN A 439 31.48 -16.63 20.08
N CYS A 440 30.29 -17.20 19.94
CA CYS A 440 29.04 -16.49 20.09
C CYS A 440 28.19 -17.22 21.12
N LYS A 441 27.74 -16.51 22.16
CA LYS A 441 26.75 -17.01 23.10
C LYS A 441 25.44 -16.30 22.83
N ALA A 442 24.34 -17.07 22.81
CA ALA A 442 23.02 -16.54 22.51
C ALA A 442 22.13 -16.62 23.74
N VAL A 443 21.35 -15.58 24.00
CA VAL A 443 20.51 -15.51 25.19
C VAL A 443 19.08 -15.22 24.75
N ASP A 444 18.17 -16.14 25.08
CA ASP A 444 16.74 -15.97 24.84
C ASP A 444 16.18 -15.02 25.88
N ILE A 445 15.69 -13.86 25.46
CA ILE A 445 15.20 -12.89 26.43
C ILE A 445 13.72 -13.06 26.71
N GLY A 446 13.05 -13.98 26.00
CA GLY A 446 11.62 -14.16 26.16
C GLY A 446 10.85 -13.42 25.09
N PRO A 447 9.61 -13.06 25.38
CA PRO A 447 8.79 -12.37 24.38
C PRO A 447 9.37 -11.01 24.03
N GLY A 448 9.22 -10.65 22.75
CA GLY A 448 9.67 -9.37 22.25
C GLY A 448 9.53 -9.24 20.75
N LEU A 449 9.40 -7.99 20.27
CA LEU A 449 9.45 -7.71 18.84
C LEU A 449 10.79 -7.07 18.58
N ASN A 450 10.87 -5.75 18.43
CA ASN A 450 12.14 -5.10 18.10
C ASN A 450 12.85 -4.47 19.31
N LEU A 451 12.12 -3.76 20.18
CA LEU A 451 12.68 -3.06 21.35
C LEU A 451 12.85 -4.04 22.52
N LEU A 452 13.80 -4.95 22.38
CA LEU A 452 13.98 -5.93 23.45
C LEU A 452 14.42 -5.27 24.75
N GLN A 453 15.03 -4.08 24.69
CA GLN A 453 15.35 -3.35 25.91
C GLN A 453 14.11 -2.97 26.70
N GLU A 454 12.95 -2.84 26.04
CA GLU A 454 11.75 -2.55 26.79
C GLU A 454 11.02 -3.81 27.25
N ASP A 455 11.48 -4.99 26.86
CA ASP A 455 10.90 -6.25 27.31
C ASP A 455 11.61 -6.80 28.54
N ASN A 456 12.92 -6.96 28.48
CA ASN A 456 13.67 -7.66 29.53
C ASN A 456 15.01 -6.98 29.78
N PRO A 457 15.00 -5.72 30.24
CA PRO A 457 16.27 -5.01 30.44
C PRO A 457 17.12 -5.62 31.54
N ASP A 458 16.53 -6.16 32.59
CA ASP A 458 17.34 -6.72 33.68
C ASP A 458 18.18 -7.90 33.19
N LEU A 459 17.59 -8.80 32.41
CA LEU A 459 18.35 -9.91 31.87
C LEU A 459 19.42 -9.42 30.91
N ILE A 460 19.08 -8.48 30.03
CA ILE A 460 20.06 -8.00 29.05
C ILE A 460 21.21 -7.30 29.78
N GLY A 461 20.87 -6.43 30.73
CA GLY A 461 21.90 -5.75 31.51
C GLY A 461 22.75 -6.71 32.32
N SER A 462 22.12 -7.56 33.11
CA SER A 462 22.84 -8.61 33.89
C SER A 462 23.76 -9.43 33.00
N GLU A 463 23.22 -9.94 31.89
CA GLU A 463 23.99 -10.84 31.04
C GLU A 463 25.14 -10.12 30.36
N ILE A 464 24.96 -8.85 29.99
CA ILE A 464 26.06 -8.10 29.39
C ILE A 464 27.18 -7.90 30.39
N ALA A 465 26.83 -7.62 31.66
CA ALA A 465 27.86 -7.39 32.66
C ALA A 465 28.60 -8.68 33.01
N ARG A 466 27.91 -9.82 33.03
CA ARG A 466 28.61 -11.09 33.25
C ARG A 466 29.50 -11.42 32.06
N TRP A 467 29.01 -11.15 30.85
CA TRP A 467 29.79 -11.39 29.63
C TRP A 467 31.05 -10.51 29.60
N LEU A 468 30.92 -9.23 30.01
CA LEU A 468 32.08 -8.35 30.03
C LEU A 468 33.19 -8.86 30.93
N SER A 469 32.85 -9.57 32.01
CA SER A 469 33.90 -9.99 32.93
C SER A 469 34.78 -11.08 32.34
N THR A 470 34.38 -11.68 31.23
CA THR A 470 35.13 -12.73 30.57
C THR A 470 36.00 -12.23 29.43
N LEU A 471 35.98 -10.93 29.15
CA LEU A 471 36.65 -10.40 27.97
C LEU A 471 38.07 -9.96 28.30
N GLU A 472 38.85 -9.73 27.24
CA GLU A 472 40.23 -9.26 27.37
C GLU A 472 40.27 -7.73 27.42
N ILE A 473 39.61 -7.18 28.44
CA ILE A 473 39.49 -5.75 28.64
C ILE A 473 40.04 -5.39 30.02
N SER A 474 40.17 -4.09 30.28
CA SER A 474 40.70 -3.61 31.57
C SER A 474 39.67 -2.76 32.31
N GLY B 4 -4.65 8.24 -5.90
CA GLY B 4 -3.71 9.35 -5.73
C GLY B 4 -3.88 10.40 -6.81
N THR B 5 -4.39 11.58 -6.44
CA THR B 5 -4.75 12.60 -7.40
C THR B 5 -3.79 13.78 -7.46
N GLY B 6 -2.86 13.90 -6.51
CA GLY B 6 -2.04 15.10 -6.43
C GLY B 6 -0.77 15.02 -7.27
N PHE B 7 -0.19 16.20 -7.52
CA PHE B 7 1.11 16.34 -8.18
C PHE B 7 1.96 17.27 -7.32
N PRO B 8 2.66 16.73 -6.32
CA PRO B 8 3.35 17.57 -5.36
C PRO B 8 4.75 18.00 -5.77
N PHE B 9 5.25 17.47 -6.89
CA PHE B 9 6.64 17.70 -7.28
C PHE B 9 6.90 19.15 -7.65
N ASP B 10 8.03 19.67 -7.18
CA ASP B 10 8.46 21.00 -7.58
C ASP B 10 8.65 21.03 -9.09
N PRO B 11 8.13 22.04 -9.78
CA PRO B 11 8.39 22.17 -11.21
C PRO B 11 9.83 22.59 -11.49
N HIS B 12 10.47 21.93 -12.45
CA HIS B 12 11.76 22.34 -12.96
C HIS B 12 11.63 22.60 -14.47
N TYR B 13 12.41 23.55 -14.99
CA TYR B 13 12.45 23.80 -16.43
C TYR B 13 13.90 23.91 -16.89
N VAL B 14 14.11 23.56 -18.17
CA VAL B 14 15.41 23.64 -18.81
C VAL B 14 15.20 24.18 -20.22
N GLU B 15 16.16 24.99 -20.68
CA GLU B 15 16.14 25.55 -22.05
C GLU B 15 16.46 24.47 -23.09
N VAL B 16 15.60 24.33 -24.08
CA VAL B 16 15.77 23.27 -25.06
C VAL B 16 15.39 23.85 -26.43
N LEU B 17 16.39 23.99 -27.32
CA LEU B 17 16.17 24.54 -28.66
C LEU B 17 15.34 25.82 -28.60
N GLY B 18 15.73 26.73 -27.71
CA GLY B 18 15.04 28.01 -27.60
C GLY B 18 13.69 27.96 -26.93
N GLU B 19 13.23 26.80 -26.47
CA GLU B 19 12.01 26.68 -25.70
C GLU B 19 12.36 26.24 -24.27
N ARG B 20 11.34 26.21 -23.41
CA ARG B 20 11.46 25.72 -22.05
C ARG B 20 10.64 24.46 -21.90
N MET B 21 11.26 23.38 -21.42
CA MET B 21 10.55 22.13 -21.15
C MET B 21 10.48 21.89 -19.65
N HIS B 22 9.31 21.49 -19.17
CA HIS B 22 9.09 21.15 -17.79
C HIS B 22 9.48 19.71 -17.51
N TYR B 23 10.01 19.46 -16.31
CA TYR B 23 10.28 18.10 -15.89
C TYR B 23 10.22 17.98 -14.38
N VAL B 24 9.79 16.80 -13.93
CA VAL B 24 9.95 16.36 -12.56
C VAL B 24 11.40 15.94 -12.37
N ASP B 25 11.96 16.28 -11.20
CA ASP B 25 13.31 15.85 -10.85
C ASP B 25 13.33 15.64 -9.34
N VAL B 26 13.17 14.39 -8.91
CA VAL B 26 13.10 14.07 -7.49
C VAL B 26 14.05 12.91 -7.21
N GLY B 27 14.20 12.60 -5.93
CA GLY B 27 15.08 11.54 -5.49
C GLY B 27 16.47 12.07 -5.21
N PRO B 28 17.39 11.19 -4.83
CA PRO B 28 18.77 11.64 -4.56
C PRO B 28 19.39 12.17 -5.84
N ARG B 29 20.35 13.09 -5.67
CA ARG B 29 21.00 13.72 -6.81
C ARG B 29 21.97 12.81 -7.52
N ASP B 30 22.54 11.84 -6.80
CA ASP B 30 23.62 11.01 -7.30
C ASP B 30 23.10 9.68 -7.83
N GLY B 31 23.95 8.97 -8.56
CA GLY B 31 23.57 7.71 -9.15
C GLY B 31 23.00 7.85 -10.56
N THR B 32 22.74 6.71 -11.17
CA THR B 32 22.15 6.68 -12.51
C THR B 32 20.72 7.19 -12.46
N PRO B 33 20.34 8.16 -13.29
CA PRO B 33 18.96 8.65 -13.30
C PRO B 33 18.01 7.71 -14.02
N VAL B 34 16.78 7.67 -13.52
CA VAL B 34 15.70 6.92 -14.15
C VAL B 34 14.84 7.94 -14.87
N LEU B 35 14.67 7.77 -16.18
CA LEU B 35 13.98 8.73 -17.04
C LEU B 35 12.62 8.15 -17.44
N PHE B 36 11.55 8.81 -17.00
CA PHE B 36 10.18 8.40 -17.28
C PHE B 36 9.65 9.22 -18.46
N LEU B 37 9.23 8.53 -19.53
CA LEU B 37 8.69 9.18 -20.71
C LEU B 37 7.21 8.81 -20.92
N HIS B 38 6.34 9.81 -20.87
CA HIS B 38 4.90 9.71 -21.08
C HIS B 38 4.56 9.81 -22.57
N GLY B 39 3.28 9.60 -22.88
CA GLY B 39 2.80 9.63 -24.25
C GLY B 39 1.55 10.48 -24.37
N ASN B 40 0.74 10.14 -25.40
CA ASN B 40 -0.46 10.91 -25.74
C ASN B 40 -1.66 10.32 -25.01
N PRO B 41 -2.53 11.13 -24.40
CA PRO B 41 -2.51 12.58 -24.26
C PRO B 41 -2.16 12.98 -22.84
N THR B 42 -1.13 12.37 -22.28
CA THR B 42 -0.84 12.57 -20.87
C THR B 42 0.31 13.55 -20.69
N SER B 43 1.03 13.43 -19.58
CA SER B 43 2.14 14.30 -19.21
C SER B 43 2.91 13.60 -18.10
N SER B 44 3.86 14.28 -17.47
CA SER B 44 4.53 13.61 -16.35
C SER B 44 3.53 13.23 -15.25
N TYR B 45 2.36 13.87 -15.22
CA TYR B 45 1.28 13.49 -14.30
C TYR B 45 0.97 12.00 -14.32
N VAL B 46 1.12 11.35 -15.49
CA VAL B 46 0.80 9.93 -15.60
C VAL B 46 1.70 9.08 -14.70
N TRP B 47 2.85 9.61 -14.30
CA TRP B 47 3.79 8.85 -13.48
C TRP B 47 3.67 9.17 -11.99
N ARG B 48 2.69 10.00 -11.60
CA ARG B 48 2.67 10.55 -10.24
C ARG B 48 2.60 9.47 -9.17
N ASN B 49 2.06 8.31 -9.51
CA ASN B 49 1.90 7.23 -8.54
C ASN B 49 2.93 6.13 -8.72
N ILE B 50 3.78 6.25 -9.74
CA ILE B 50 4.89 5.31 -9.97
C ILE B 50 6.17 5.82 -9.34
N ILE B 51 6.43 7.11 -9.54
CA ILE B 51 7.71 7.67 -9.10
C ILE B 51 7.91 7.54 -7.61
N PRO B 52 6.90 7.66 -6.74
CA PRO B 52 7.14 7.54 -5.29
C PRO B 52 7.69 6.20 -4.86
N HIS B 53 7.53 5.14 -5.64
CA HIS B 53 8.16 3.87 -5.31
C HIS B 53 9.65 3.83 -5.66
N VAL B 54 10.08 4.70 -6.56
CA VAL B 54 11.44 4.66 -7.09
C VAL B 54 12.29 5.79 -6.53
N ALA B 55 11.69 6.94 -6.35
CA ALA B 55 12.35 8.12 -5.84
C ALA B 55 13.04 7.96 -4.47
N PRO B 56 12.64 7.02 -3.57
CA PRO B 56 13.44 6.88 -2.33
C PRO B 56 14.89 6.53 -2.60
N THR B 57 15.18 5.72 -3.63
CA THR B 57 16.55 5.28 -3.88
C THR B 57 17.14 5.69 -5.23
N HIS B 58 16.43 6.42 -6.09
CA HIS B 58 17.01 6.82 -7.38
C HIS B 58 16.52 8.18 -7.78
N ARG B 59 17.38 8.89 -8.50
CA ARG B 59 16.97 10.14 -9.15
C ARG B 59 15.91 9.82 -10.20
N CYS B 60 14.78 10.51 -10.15
CA CYS B 60 13.68 10.31 -11.08
C CYS B 60 13.50 11.58 -11.88
N ILE B 61 13.61 11.49 -13.21
CA ILE B 61 13.42 12.62 -14.11
C ILE B 61 12.26 12.31 -15.04
N ALA B 62 11.26 13.18 -15.06
CA ALA B 62 10.08 12.97 -15.92
C ALA B 62 9.75 14.24 -16.69
N PRO B 63 10.20 14.37 -17.92
CA PRO B 63 9.83 15.55 -18.72
C PRO B 63 8.38 15.49 -19.21
N ASP B 64 7.82 16.68 -19.44
CA ASP B 64 6.65 16.85 -20.28
C ASP B 64 7.10 17.07 -21.71
N LEU B 65 6.59 16.26 -22.64
CA LEU B 65 6.92 16.42 -24.05
C LEU B 65 6.64 17.84 -24.50
N ILE B 66 7.36 18.29 -25.54
CA ILE B 66 7.13 19.61 -26.08
C ILE B 66 5.68 19.72 -26.56
N GLY B 67 5.06 20.87 -26.30
CA GLY B 67 3.66 21.08 -26.58
C GLY B 67 2.70 20.43 -25.60
N MET B 68 3.20 19.76 -24.57
CA MET B 68 2.37 19.01 -23.64
C MET B 68 2.73 19.35 -22.19
N GLY B 69 1.83 19.01 -21.27
CA GLY B 69 2.05 19.26 -19.86
C GLY B 69 2.31 20.73 -19.57
N LYS B 70 3.41 21.00 -18.86
CA LYS B 70 3.81 22.36 -18.57
C LYS B 70 4.94 22.85 -19.47
N SER B 71 5.28 22.09 -20.51
CA SER B 71 6.36 22.51 -21.40
C SER B 71 5.84 23.60 -22.34
N ASP B 72 6.77 24.33 -22.98
CA ASP B 72 6.38 25.36 -23.94
C ASP B 72 5.63 24.77 -25.13
N LYS B 73 4.96 25.64 -25.88
CA LYS B 73 4.03 25.23 -26.93
C LYS B 73 4.30 26.00 -28.22
N PRO B 74 5.46 25.79 -28.85
CA PRO B 74 5.75 26.47 -30.12
C PRO B 74 4.85 26.00 -31.25
N ASP B 75 4.89 26.75 -32.34
CA ASP B 75 4.11 26.48 -33.55
C ASP B 75 4.83 25.42 -34.36
N LEU B 76 4.61 24.16 -33.98
CA LEU B 76 5.22 22.99 -34.57
C LEU B 76 4.16 22.14 -35.25
N GLY B 77 4.61 21.29 -36.19
CA GLY B 77 3.75 20.21 -36.62
C GLY B 77 3.56 19.14 -35.57
N TYR B 78 4.44 19.08 -34.57
CA TYR B 78 4.43 18.04 -33.53
C TYR B 78 4.42 16.63 -34.12
N PHE B 79 5.10 16.47 -35.26
CA PHE B 79 5.41 15.13 -35.75
C PHE B 79 6.28 14.39 -34.75
N PHE B 80 6.33 13.06 -34.89
CA PHE B 80 7.22 12.27 -34.05
C PHE B 80 8.65 12.78 -34.14
N ASP B 81 9.10 13.14 -35.34
CA ASP B 81 10.47 13.62 -35.46
C ASP B 81 10.66 15.01 -34.87
N ASP B 82 9.58 15.73 -34.59
CA ASP B 82 9.69 16.95 -33.78
C ASP B 82 9.99 16.58 -32.34
N HIS B 83 9.28 15.59 -31.80
CA HIS B 83 9.53 15.17 -30.43
C HIS B 83 10.91 14.57 -30.25
N VAL B 84 11.43 13.90 -31.28
CA VAL B 84 12.78 13.32 -31.19
C VAL B 84 13.80 14.42 -30.98
N ARG B 85 13.75 15.45 -31.85
CA ARG B 85 14.63 16.60 -31.70
C ARG B 85 14.59 17.15 -30.28
N PHE B 86 13.39 17.41 -29.76
CA PHE B 86 13.31 18.06 -28.45
C PHE B 86 13.69 17.12 -27.32
N MET B 87 13.39 15.82 -27.46
CA MET B 87 13.79 14.91 -26.41
C MET B 87 15.29 14.66 -26.46
N ASP B 88 15.88 14.56 -27.66
CA ASP B 88 17.33 14.47 -27.77
C ASP B 88 18.00 15.66 -27.09
N ALA B 89 17.50 16.86 -27.35
CA ALA B 89 18.14 18.04 -26.79
C ALA B 89 17.89 18.15 -25.28
N PHE B 90 16.75 17.66 -24.81
CA PHE B 90 16.46 17.68 -23.38
C PHE B 90 17.42 16.79 -22.62
N ILE B 91 17.73 15.61 -23.17
CA ILE B 91 18.62 14.67 -22.53
C ILE B 91 20.04 15.24 -22.43
N GLU B 92 20.52 15.87 -23.50
CA GLU B 92 21.83 16.52 -23.45
C GLU B 92 21.82 17.72 -22.51
N ALA B 93 20.72 18.48 -22.49
CA ALA B 93 20.68 19.67 -21.65
C ALA B 93 20.78 19.33 -20.17
N LEU B 94 20.29 18.18 -19.75
CA LEU B 94 20.46 17.75 -18.36
C LEU B 94 21.76 16.98 -18.13
N GLY B 95 22.55 16.75 -19.17
CA GLY B 95 23.83 16.07 -19.01
C GLY B 95 23.70 14.64 -18.52
N LEU B 96 22.71 13.91 -19.02
CA LEU B 96 22.50 12.53 -18.57
C LEU B 96 23.41 11.62 -19.36
N GLU B 97 24.48 11.14 -18.71
CA GLU B 97 25.42 10.27 -19.40
C GLU B 97 24.80 8.89 -19.62
N GLU B 98 24.39 8.23 -18.53
CA GLU B 98 23.75 6.94 -18.59
C GLU B 98 22.37 7.06 -17.96
N VAL B 99 21.42 6.25 -18.43
CA VAL B 99 20.06 6.32 -17.89
C VAL B 99 19.47 4.93 -17.83
N VAL B 100 18.40 4.81 -17.06
CA VAL B 100 17.45 3.72 -17.17
C VAL B 100 16.16 4.34 -17.68
N LEU B 101 15.55 3.72 -18.68
CA LEU B 101 14.37 4.25 -19.33
C LEU B 101 13.13 3.57 -18.81
N VAL B 102 12.10 4.37 -18.47
CA VAL B 102 10.77 3.87 -18.14
C VAL B 102 9.81 4.60 -19.07
N ILE B 103 9.16 3.85 -19.97
CA ILE B 103 8.56 4.47 -21.15
C ILE B 103 7.19 3.89 -21.45
N HIS B 104 6.27 4.75 -21.93
CA HIS B 104 4.89 4.39 -22.26
C HIS B 104 4.41 5.08 -23.53
N ASP B 105 3.64 4.34 -24.33
CA ASP B 105 3.00 4.83 -25.57
C ASP B 105 4.01 5.63 -26.39
N TRP B 106 3.75 6.90 -26.74
CA TRP B 106 4.72 7.58 -27.58
C TRP B 106 6.05 7.86 -26.84
N GLY B 107 6.03 7.93 -25.52
CA GLY B 107 7.28 7.99 -24.78
C GLY B 107 8.17 6.78 -25.02
N SER B 108 7.58 5.66 -25.41
CA SER B 108 8.41 4.48 -25.64
C SER B 108 9.01 4.48 -27.04
N ALA B 109 8.28 4.98 -28.04
CA ALA B 109 8.91 5.23 -29.33
C ALA B 109 10.11 6.16 -29.16
N LEU B 110 9.94 7.23 -28.39
CA LEU B 110 11.07 8.13 -28.11
C LEU B 110 12.22 7.37 -27.48
N GLY B 111 11.96 6.62 -26.42
CA GLY B 111 13.03 5.98 -25.68
C GLY B 111 13.69 4.83 -26.44
N PHE B 112 12.89 4.00 -27.10
CA PHE B 112 13.47 2.94 -27.91
C PHE B 112 14.35 3.52 -29.03
N HIS B 113 13.83 4.48 -29.79
CA HIS B 113 14.61 5.11 -30.86
C HIS B 113 15.89 5.75 -30.32
N TRP B 114 15.82 6.35 -29.13
CA TRP B 114 17.03 6.92 -28.54
C TRP B 114 17.99 5.83 -28.07
N ALA B 115 17.46 4.77 -27.45
CA ALA B 115 18.32 3.68 -26.98
C ALA B 115 19.06 3.02 -28.13
N LYS B 116 18.37 2.76 -29.25
CA LYS B 116 19.02 2.15 -30.41
C LYS B 116 20.20 3.00 -30.89
N ARG B 117 20.05 4.33 -30.86
CA ARG B 117 21.13 5.19 -31.32
C ARG B 117 22.21 5.41 -30.26
N ASN B 118 21.92 5.14 -28.99
CA ASN B 118 22.90 5.33 -27.90
C ASN B 118 22.90 4.11 -26.99
N PRO B 119 23.18 2.92 -27.54
CA PRO B 119 22.96 1.69 -26.77
C PRO B 119 23.86 1.53 -25.57
N GLU B 120 25.04 2.18 -25.55
CA GLU B 120 25.94 2.09 -24.41
C GLU B 120 25.54 3.01 -23.27
N ARG B 121 24.55 3.87 -23.48
CA ARG B 121 24.13 4.81 -22.46
C ARG B 121 22.86 4.38 -21.76
N VAL B 122 22.34 3.21 -22.11
CA VAL B 122 21.09 2.71 -21.57
C VAL B 122 21.40 1.47 -20.75
N LYS B 123 21.14 1.55 -19.44
CA LYS B 123 21.42 0.44 -18.55
C LYS B 123 20.20 -0.45 -18.31
N GLY B 124 19.04 -0.03 -18.75
CA GLY B 124 17.84 -0.83 -18.62
C GLY B 124 16.67 -0.11 -19.28
N ILE B 125 15.66 -0.90 -19.65
CA ILE B 125 14.45 -0.31 -20.21
C ILE B 125 13.23 -1.02 -19.62
N ALA B 126 12.41 -0.30 -18.86
CA ALA B 126 11.10 -0.79 -18.46
C ALA B 126 10.03 -0.15 -19.36
N PHE B 127 9.19 -0.99 -19.95
CA PHE B 127 8.24 -0.48 -20.94
C PHE B 127 6.89 -1.16 -20.79
N MET B 128 5.87 -0.46 -21.29
CA MET B 128 4.48 -0.86 -21.11
C MET B 128 3.61 -0.16 -22.16
N GLU B 129 2.67 -0.91 -22.75
CA GLU B 129 1.74 -0.41 -23.75
C GLU B 129 2.48 0.51 -24.72
N PHE B 130 3.41 -0.07 -25.46
CA PHE B 130 4.43 0.66 -26.20
C PHE B 130 4.15 0.57 -27.70
N ILE B 131 4.88 1.41 -28.44
CA ILE B 131 4.66 1.55 -29.86
C ILE B 131 5.42 0.45 -30.61
N ARG B 132 4.69 -0.40 -31.32
CA ARG B 132 5.21 -1.40 -32.23
C ARG B 132 4.39 -1.29 -33.51
N PRO B 133 4.80 -1.94 -34.59
CA PRO B 133 3.95 -1.95 -35.80
C PRO B 133 2.69 -2.77 -35.57
N ILE B 134 1.53 -2.14 -35.74
CA ILE B 134 0.25 -2.81 -35.62
C ILE B 134 -0.09 -3.38 -36.99
N PRO B 135 0.08 -4.69 -37.20
CA PRO B 135 0.01 -5.23 -38.58
C PRO B 135 -1.31 -4.96 -39.30
N THR B 136 -2.41 -4.98 -38.56
CA THR B 136 -3.74 -4.84 -39.17
C THR B 136 -4.68 -4.11 -38.20
N TRP B 137 -5.71 -3.50 -38.75
CA TRP B 137 -6.72 -2.89 -37.87
C TRP B 137 -7.47 -3.94 -37.07
N ASP B 138 -7.45 -5.20 -37.51
CA ASP B 138 -7.99 -6.30 -36.70
C ASP B 138 -7.30 -6.39 -35.35
N GLU B 139 -6.01 -6.07 -35.27
CA GLU B 139 -5.34 -6.15 -33.97
C GLU B 139 -5.61 -4.96 -33.06
N TRP B 140 -6.38 -3.96 -33.55
CA TRP B 140 -6.80 -2.79 -32.77
C TRP B 140 -8.16 -3.09 -32.11
N PRO B 141 -8.33 -2.75 -30.81
CA PRO B 141 -9.61 -2.99 -30.14
C PRO B 141 -10.77 -2.60 -31.03
N GLU B 142 -11.71 -3.54 -31.20
CA GLU B 142 -12.85 -3.31 -32.08
C GLU B 142 -13.63 -2.06 -31.71
N PHE B 143 -13.83 -1.83 -30.41
CA PHE B 143 -14.70 -0.75 -29.94
C PHE B 143 -14.12 0.62 -30.24
N ALA B 144 -12.82 0.71 -30.50
CA ALA B 144 -12.09 1.94 -30.76
C ALA B 144 -11.63 2.05 -32.20
N ARG B 145 -11.95 1.06 -33.03
CA ARG B 145 -11.49 1.00 -34.42
C ARG B 145 -12.05 2.16 -35.25
N GLU B 146 -13.38 2.29 -35.28
CA GLU B 146 -14.04 3.33 -36.03
C GLU B 146 -13.54 4.73 -35.64
N THR B 147 -13.44 4.99 -34.33
CA THR B 147 -13.03 6.32 -33.88
C THR B 147 -11.61 6.64 -34.34
N PHE B 148 -10.65 5.77 -34.04
CA PHE B 148 -9.27 6.07 -34.38
C PHE B 148 -9.06 6.20 -35.89
N GLN B 149 -9.82 5.43 -36.68
CA GLN B 149 -9.79 5.62 -38.13
C GLN B 149 -10.29 7.02 -38.50
N ALA B 150 -11.32 7.50 -37.79
CA ALA B 150 -11.82 8.85 -38.02
C ALA B 150 -10.82 9.90 -37.54
N PHE B 151 -10.12 9.62 -36.45
CA PHE B 151 -9.05 10.50 -35.97
C PHE B 151 -8.01 10.75 -37.06
N ARG B 152 -7.71 9.72 -37.84
CA ARG B 152 -6.67 9.80 -38.87
C ARG B 152 -7.15 10.42 -40.19
N THR B 153 -7.92 11.50 -40.11
CA THR B 153 -8.23 12.33 -41.26
C THR B 153 -8.06 13.79 -40.84
N THR B 154 -7.91 14.66 -41.84
CA THR B 154 -7.77 16.10 -41.57
C THR B 154 -9.11 16.81 -41.42
N ASP B 155 -10.22 16.16 -41.69
CA ASP B 155 -11.53 16.87 -41.60
C ASP B 155 -12.24 16.44 -40.30
N VAL B 156 -12.78 15.22 -40.27
CA VAL B 156 -13.44 14.71 -39.04
C VAL B 156 -12.42 14.61 -37.90
N GLY B 157 -11.22 14.11 -38.19
CA GLY B 157 -10.28 13.94 -37.10
C GLY B 157 -9.93 15.23 -36.39
N ARG B 158 -9.71 16.30 -37.14
CA ARG B 158 -9.37 17.57 -36.51
C ARG B 158 -10.58 18.18 -35.81
N LYS B 159 -11.76 18.05 -36.40
CA LYS B 159 -12.98 18.52 -35.73
C LYS B 159 -13.19 17.76 -34.42
N LEU B 160 -13.01 16.45 -34.41
CA LEU B 160 -13.17 15.68 -33.18
C LEU B 160 -12.12 16.07 -32.14
N ILE B 161 -10.84 16.06 -32.51
CA ILE B 161 -9.77 16.14 -31.52
C ILE B 161 -9.47 17.59 -31.14
N ILE B 162 -9.45 18.48 -32.14
CA ILE B 162 -9.05 19.87 -31.92
C ILE B 162 -10.26 20.71 -31.55
N ASP B 163 -11.30 20.71 -32.40
CA ASP B 163 -12.44 21.58 -32.17
C ASP B 163 -13.28 21.11 -30.99
N GLN B 164 -13.34 19.80 -30.74
CA GLN B 164 -14.29 19.25 -29.78
C GLN B 164 -13.63 18.59 -28.58
N ASN B 165 -12.31 18.50 -28.56
CA ASN B 165 -11.55 17.94 -27.45
C ASN B 165 -11.99 16.51 -27.09
N VAL B 166 -12.35 15.73 -28.10
CA VAL B 166 -12.86 14.38 -27.82
C VAL B 166 -11.77 13.47 -27.25
N PHE B 167 -10.52 13.65 -27.68
CA PHE B 167 -9.45 12.78 -27.21
C PHE B 167 -9.19 12.96 -25.71
N ILE B 168 -9.38 14.18 -25.20
CA ILE B 168 -9.28 14.41 -23.76
C ILE B 168 -10.57 14.01 -23.06
N GLU B 169 -11.71 14.51 -23.54
CA GLU B 169 -12.96 14.31 -22.80
C GLU B 169 -13.56 12.92 -22.95
N TRP B 170 -13.21 12.17 -23.99
CA TRP B 170 -13.82 10.85 -24.18
C TRP B 170 -12.80 9.73 -24.27
N THR B 171 -11.80 9.86 -25.15
CA THR B 171 -10.86 8.76 -25.38
C THR B 171 -10.07 8.46 -24.11
N LEU B 172 -9.54 9.50 -23.48
CA LEU B 172 -8.69 9.33 -22.30
C LEU B 172 -9.39 8.60 -21.16
N PRO B 173 -10.60 8.98 -20.72
CA PRO B 173 -11.27 8.18 -19.68
C PRO B 173 -11.69 6.81 -20.17
N MET B 174 -11.71 6.55 -21.47
CA MET B 174 -12.00 5.23 -21.97
C MET B 174 -10.75 4.41 -22.25
N ALA B 175 -9.56 4.91 -21.90
CA ALA B 175 -8.32 4.23 -22.21
C ALA B 175 -7.67 3.61 -20.98
N VAL B 176 -8.38 3.53 -19.87
CA VAL B 176 -7.82 3.03 -18.62
C VAL B 176 -8.03 1.52 -18.53
N ALA B 177 -9.30 1.10 -18.59
CA ALA B 177 -9.65 -0.32 -18.55
C ALA B 177 -11.09 -0.48 -19.04
N ARG B 178 -11.51 -1.74 -19.20
CA ARG B 178 -12.77 -2.09 -19.87
C ARG B 178 -13.93 -2.45 -18.94
N ALA B 179 -13.69 -3.12 -17.80
CA ALA B 179 -14.77 -3.83 -17.12
C ALA B 179 -15.84 -2.90 -16.56
N ARG B 180 -15.46 -1.66 -16.22
CA ARG B 180 -16.45 -0.74 -15.63
C ARG B 180 -17.58 -0.41 -16.59
N ARG B 181 -17.33 -0.45 -17.88
CA ARG B 181 -18.40 -0.18 -18.88
C ARG B 181 -19.45 -1.29 -18.80
N LYS B 182 -19.00 -2.54 -18.65
CA LYS B 182 -19.93 -3.66 -18.61
C LYS B 182 -20.72 -3.65 -17.30
N TRP B 183 -20.05 -3.43 -16.17
CA TRP B 183 -20.73 -3.33 -14.87
C TRP B 183 -21.85 -2.29 -14.92
N GLN B 184 -21.52 -1.09 -15.41
CA GLN B 184 -22.48 0.01 -15.40
C GLN B 184 -23.59 -0.22 -16.41
N LYS B 185 -23.26 -0.76 -17.59
CA LYS B 185 -24.30 -1.12 -18.55
C LYS B 185 -25.30 -2.11 -17.96
N THR B 186 -24.81 -3.14 -17.26
CA THR B 186 -25.75 -4.13 -16.71
C THR B 186 -26.43 -3.61 -15.44
N GLY B 187 -25.72 -2.81 -14.63
CA GLY B 187 -26.37 -2.14 -13.51
C GLY B 187 -27.49 -1.22 -13.96
N HIS B 188 -27.26 -0.45 -15.03
CA HIS B 188 -28.32 0.41 -15.57
C HIS B 188 -29.51 -0.41 -16.06
N ALA B 189 -29.25 -1.54 -16.74
CA ALA B 189 -30.37 -2.35 -17.19
C ALA B 189 -31.14 -2.97 -16.01
N VAL B 190 -30.44 -3.32 -14.92
CA VAL B 190 -31.14 -3.84 -13.75
C VAL B 190 -31.99 -2.74 -13.09
N ARG B 191 -31.45 -1.53 -12.97
CA ARG B 191 -32.27 -0.43 -12.45
C ARG B 191 -33.43 -0.12 -13.40
N ALA B 192 -33.21 -0.23 -14.71
CA ALA B 192 -34.31 -0.02 -15.68
C ALA B 192 -35.43 -1.02 -15.47
N ILE B 193 -35.09 -2.30 -15.30
CA ILE B 193 -36.11 -3.32 -15.00
C ILE B 193 -36.90 -2.92 -13.76
N GLY B 194 -36.20 -2.52 -12.70
CA GLY B 194 -36.87 -2.05 -11.51
C GLY B 194 -37.81 -0.89 -11.78
N ARG B 195 -37.29 0.16 -12.42
CA ARG B 195 -38.12 1.34 -12.66
C ARG B 195 -39.36 1.02 -13.49
N LEU B 196 -39.28 0.01 -14.37
CA LEU B 196 -40.46 -0.36 -15.14
C LEU B 196 -41.55 -0.96 -14.26
N SER B 197 -41.18 -1.69 -13.22
CA SER B 197 -42.16 -2.44 -12.42
C SER B 197 -42.86 -1.56 -11.39
N SER B 207 -39.19 13.28 -6.26
CA SER B 207 -39.79 12.46 -7.31
C SER B 207 -40.97 13.19 -7.99
N GLY B 208 -40.96 13.17 -9.33
CA GLY B 208 -41.88 13.91 -10.16
C GLY B 208 -41.10 14.56 -11.28
N GLY B 209 -41.37 14.20 -12.54
CA GLY B 209 -40.59 14.70 -13.66
C GLY B 209 -39.23 14.04 -13.79
N SER B 210 -38.44 14.54 -14.75
CA SER B 210 -37.17 13.93 -15.11
C SER B 210 -36.16 15.02 -15.45
N ASP B 211 -34.88 14.71 -15.23
CA ASP B 211 -33.82 15.64 -15.57
C ASP B 211 -33.60 15.68 -17.09
N GLN B 212 -32.97 16.76 -17.55
CA GLN B 212 -32.45 16.80 -18.90
C GLN B 212 -31.01 16.32 -18.84
N LEU B 213 -30.73 15.19 -19.46
CA LEU B 213 -29.43 14.55 -19.33
C LEU B 213 -28.40 15.19 -20.26
N THR B 214 -27.15 15.22 -19.80
CA THR B 214 -26.03 15.58 -20.66
C THR B 214 -25.77 14.50 -21.71
N GLU B 215 -25.06 14.90 -22.76
CA GLU B 215 -24.72 13.97 -23.83
C GLU B 215 -23.89 12.79 -23.34
N GLU B 216 -23.15 12.96 -22.24
CA GLU B 216 -22.38 11.85 -21.69
C GLU B 216 -23.26 10.83 -20.99
N GLN B 217 -24.31 11.30 -20.30
CA GLN B 217 -25.24 10.37 -19.63
C GLN B 217 -26.10 9.64 -20.63
N ILE B 218 -26.44 10.29 -21.74
CA ILE B 218 -27.30 9.65 -22.73
C ILE B 218 -26.57 8.48 -23.37
N ALA B 219 -25.27 8.64 -23.65
CA ALA B 219 -24.51 7.57 -24.27
C ALA B 219 -24.34 6.38 -23.34
N GLU B 220 -24.23 6.63 -22.04
CA GLU B 220 -24.13 5.53 -21.08
C GLU B 220 -25.40 4.69 -21.09
N PHE B 221 -26.56 5.34 -21.27
CA PHE B 221 -27.81 4.59 -21.31
C PHE B 221 -28.05 3.96 -22.67
N LYS B 222 -27.20 4.26 -23.66
CA LYS B 222 -27.40 3.67 -24.99
C LYS B 222 -27.07 2.18 -24.99
N GLU B 223 -25.96 1.81 -24.35
CA GLU B 223 -25.60 0.41 -24.18
C GLU B 223 -26.69 -0.35 -23.42
N ALA B 224 -27.14 0.20 -22.29
CA ALA B 224 -28.23 -0.40 -21.53
C ALA B 224 -29.47 -0.59 -22.39
N PHE B 225 -29.79 0.40 -23.23
CA PHE B 225 -30.94 0.29 -24.12
C PHE B 225 -30.79 -0.88 -25.08
N SER B 226 -29.56 -1.14 -25.53
CA SER B 226 -29.36 -2.18 -26.54
C SER B 226 -29.65 -3.57 -25.97
N LEU B 227 -29.46 -3.75 -24.67
CA LEU B 227 -29.82 -5.01 -23.99
C LEU B 227 -31.29 -5.35 -24.25
N PHE B 228 -32.17 -4.36 -24.20
CA PHE B 228 -33.60 -4.60 -24.38
C PHE B 228 -34.01 -4.64 -25.85
N ASP B 229 -33.36 -3.86 -26.70
CA ASP B 229 -33.74 -3.77 -28.11
C ASP B 229 -32.98 -4.86 -28.88
N LYS B 230 -33.46 -6.09 -28.72
CA LYS B 230 -32.77 -7.26 -29.24
C LYS B 230 -32.54 -7.15 -30.75
N ASP B 231 -33.55 -6.69 -31.50
CA ASP B 231 -33.43 -6.62 -32.95
C ASP B 231 -32.86 -5.29 -33.44
N GLY B 232 -32.48 -4.39 -32.55
CA GLY B 232 -31.85 -3.13 -32.91
C GLY B 232 -32.70 -2.14 -33.69
N ASP B 233 -34.00 -2.35 -33.81
CA ASP B 233 -34.82 -1.46 -34.61
C ASP B 233 -35.16 -0.15 -33.91
N GLY B 234 -34.58 0.09 -32.73
CA GLY B 234 -34.75 1.34 -32.03
C GLY B 234 -35.96 1.44 -31.12
N THR B 235 -36.76 0.38 -31.02
CA THR B 235 -37.89 0.34 -30.09
C THR B 235 -37.80 -0.92 -29.24
N ILE B 236 -38.29 -0.83 -28.01
CA ILE B 236 -38.44 -1.98 -27.11
C ILE B 236 -39.90 -2.40 -27.15
N THR B 237 -40.17 -3.62 -27.59
CA THR B 237 -41.53 -4.13 -27.70
C THR B 237 -41.90 -4.98 -26.50
N THR B 238 -43.20 -5.35 -26.47
CA THR B 238 -43.71 -6.33 -25.52
C THR B 238 -42.88 -7.60 -25.54
N LYS B 239 -42.59 -8.12 -26.73
CA LYS B 239 -41.88 -9.39 -26.82
C LYS B 239 -40.42 -9.24 -26.43
N GLU B 240 -39.82 -8.07 -26.69
CA GLU B 240 -38.42 -7.88 -26.32
C GLU B 240 -38.28 -7.70 -24.81
N LEU B 241 -39.22 -6.99 -24.18
CA LEU B 241 -39.19 -6.86 -22.73
C LEU B 241 -39.49 -8.19 -22.05
N GLY B 242 -40.39 -8.99 -22.62
CA GLY B 242 -40.67 -10.31 -22.07
C GLY B 242 -39.44 -11.20 -22.06
N THR B 243 -38.73 -11.26 -23.20
CA THR B 243 -37.49 -12.01 -23.27
C THR B 243 -36.53 -11.63 -22.14
N VAL B 244 -36.31 -10.32 -21.97
CA VAL B 244 -35.42 -9.86 -20.89
C VAL B 244 -35.96 -10.31 -19.54
N MET B 245 -37.21 -9.93 -19.24
CA MET B 245 -37.80 -10.24 -17.94
C MET B 245 -37.78 -11.74 -17.64
N ARG B 246 -38.09 -12.56 -18.65
CA ARG B 246 -38.04 -14.00 -18.50
C ARG B 246 -36.70 -14.45 -17.96
N SER B 247 -35.62 -14.15 -18.69
CA SER B 247 -34.29 -14.64 -18.32
C SER B 247 -33.93 -14.31 -16.89
N LEU B 248 -34.49 -13.23 -16.33
CA LEU B 248 -34.09 -12.80 -14.98
C LEU B 248 -34.80 -13.58 -13.88
N GLY B 249 -35.80 -14.39 -14.19
CA GLY B 249 -36.54 -15.11 -13.17
C GLY B 249 -37.80 -14.42 -12.65
N GLN B 250 -38.01 -13.18 -13.10
CA GLN B 250 -39.24 -12.44 -12.76
C GLN B 250 -40.16 -12.60 -13.97
N ASN B 251 -40.86 -13.73 -14.05
CA ASN B 251 -41.72 -14.03 -15.22
C ASN B 251 -43.08 -13.34 -15.06
N PRO B 252 -43.47 -12.45 -16.00
CA PRO B 252 -44.74 -11.71 -15.91
C PRO B 252 -45.66 -11.95 -17.12
N THR B 253 -46.74 -11.19 -17.27
CA THR B 253 -47.76 -11.47 -18.33
C THR B 253 -47.73 -10.46 -19.49
N GLU B 254 -48.27 -10.85 -20.65
CA GLU B 254 -48.43 -9.92 -21.77
C GLU B 254 -49.18 -8.66 -21.34
N ALA B 255 -50.20 -8.81 -20.48
CA ALA B 255 -50.86 -7.65 -19.90
C ALA B 255 -49.93 -6.88 -18.96
N GLU B 256 -49.08 -7.59 -18.20
CA GLU B 256 -48.14 -6.88 -17.34
C GLU B 256 -47.07 -6.18 -18.18
N LEU B 257 -46.55 -6.85 -19.21
CA LEU B 257 -45.57 -6.23 -20.12
C LEU B 257 -46.15 -4.98 -20.77
N GLN B 258 -47.41 -5.03 -21.22
CA GLN B 258 -47.99 -3.87 -21.87
C GLN B 258 -48.20 -2.72 -20.88
N ASP B 259 -48.72 -2.99 -19.69
CA ASP B 259 -48.90 -1.92 -18.72
C ASP B 259 -47.57 -1.30 -18.33
N MET B 260 -46.53 -2.13 -18.18
CA MET B 260 -45.19 -1.60 -17.91
C MET B 260 -44.74 -0.68 -19.03
N ILE B 261 -44.89 -1.13 -20.27
CA ILE B 261 -44.52 -0.32 -21.43
C ILE B 261 -45.37 0.94 -21.49
N ASN B 262 -46.66 0.84 -21.16
CA ASN B 262 -47.56 1.98 -21.32
C ASN B 262 -47.22 3.14 -20.37
N GLU B 263 -46.61 2.85 -19.22
CA GLU B 263 -46.25 3.93 -18.29
C GLU B 263 -45.12 4.79 -18.86
N VAL B 264 -44.22 4.20 -19.64
CA VAL B 264 -43.13 4.97 -20.23
C VAL B 264 -43.44 5.42 -21.67
N ASP B 265 -44.45 4.83 -22.31
CA ASP B 265 -44.84 5.11 -23.68
C ASP B 265 -45.46 6.49 -23.83
N ALA B 266 -44.65 7.51 -24.10
CA ALA B 266 -45.15 8.88 -24.11
C ALA B 266 -45.99 9.16 -25.34
N ASP B 267 -45.60 8.60 -26.49
CA ASP B 267 -46.33 8.82 -27.73
C ASP B 267 -47.48 7.83 -27.94
N GLY B 268 -47.62 6.82 -27.08
CA GLY B 268 -48.77 5.93 -27.15
C GLY B 268 -48.73 4.91 -28.26
N ASN B 269 -47.57 4.67 -28.89
CA ASN B 269 -47.50 3.73 -30.00
C ASN B 269 -47.32 2.28 -29.58
N GLY B 270 -47.27 2.01 -28.28
CA GLY B 270 -47.16 0.64 -27.81
C GLY B 270 -45.74 0.16 -27.58
N THR B 271 -44.73 0.88 -28.07
CA THR B 271 -43.34 0.51 -27.93
C THR B 271 -42.59 1.63 -27.21
N ILE B 272 -41.42 1.30 -26.66
CA ILE B 272 -40.58 2.25 -25.95
C ILE B 272 -39.45 2.66 -26.88
N ASP B 273 -39.41 3.91 -27.31
CA ASP B 273 -38.23 4.34 -28.06
C ASP B 273 -37.15 4.83 -27.11
N PHE B 274 -35.99 5.12 -27.68
CA PHE B 274 -34.87 5.56 -26.86
C PHE B 274 -35.12 6.86 -26.11
N PRO B 275 -35.79 7.87 -26.68
CA PRO B 275 -36.18 9.03 -25.85
C PRO B 275 -37.04 8.67 -24.65
N GLU B 276 -38.06 7.83 -24.84
CA GLU B 276 -38.91 7.45 -23.71
C GLU B 276 -38.12 6.71 -22.65
N PHE B 277 -37.21 5.82 -23.07
CA PHE B 277 -36.33 5.13 -22.15
C PHE B 277 -35.48 6.11 -21.35
N LEU B 278 -34.99 7.16 -22.00
CA LEU B 278 -34.16 8.15 -21.33
C LEU B 278 -34.95 8.92 -20.27
N THR B 279 -36.21 9.26 -20.55
CA THR B 279 -37.01 9.97 -19.54
C THR B 279 -37.20 9.11 -18.30
N MET B 280 -37.45 7.81 -18.47
CA MET B 280 -37.56 6.91 -17.34
C MET B 280 -36.24 6.85 -16.55
N MET B 281 -35.13 6.74 -17.26
CA MET B 281 -33.83 6.64 -16.59
C MET B 281 -33.35 7.97 -16.04
N ALA B 282 -34.05 9.08 -16.30
CA ALA B 282 -33.69 10.37 -15.76
C ALA B 282 -34.66 10.86 -14.69
N ARG B 283 -35.59 10.00 -14.23
CA ARG B 283 -36.56 10.37 -13.20
C ARG B 283 -35.87 10.99 -12.00
N LYS B 284 -36.47 12.07 -11.51
CA LYS B 284 -36.01 12.71 -10.29
C LYS B 284 -36.46 11.89 -9.09
N MET B 285 -35.59 11.81 -8.07
CA MET B 285 -35.92 11.13 -6.81
C MET B 285 -34.90 11.55 -5.76
N LYS B 286 -35.28 11.39 -4.49
CA LYS B 286 -34.34 11.66 -3.40
C LYS B 286 -33.12 10.75 -3.50
N ASP B 287 -31.99 11.24 -2.99
CA ASP B 287 -30.77 10.44 -2.98
C ASP B 287 -30.99 9.08 -2.32
N THR B 288 -31.80 9.03 -1.25
CA THR B 288 -31.98 7.78 -0.53
C THR B 288 -32.74 6.76 -1.38
N ASP B 289 -33.65 7.22 -2.22
CA ASP B 289 -34.30 6.28 -3.15
C ASP B 289 -33.34 5.88 -4.26
N SER B 290 -32.47 6.79 -4.69
CA SER B 290 -31.41 6.42 -5.63
C SER B 290 -30.52 5.33 -5.03
N GLU B 291 -30.14 5.48 -3.76
CA GLU B 291 -29.30 4.46 -3.14
C GLU B 291 -30.03 3.14 -2.97
N GLU B 292 -31.33 3.20 -2.74
CA GLU B 292 -32.12 1.96 -2.61
C GLU B 292 -32.05 1.18 -3.92
N GLU B 293 -32.09 1.87 -5.05
CA GLU B 293 -32.02 1.21 -6.34
C GLU B 293 -30.73 0.43 -6.49
N ILE B 294 -29.62 1.00 -6.02
CA ILE B 294 -28.34 0.31 -6.13
C ILE B 294 -28.30 -0.87 -5.16
N ARG B 295 -28.84 -0.71 -3.96
CA ARG B 295 -28.93 -1.85 -3.02
C ARG B 295 -29.73 -2.99 -3.67
N GLU B 296 -30.85 -2.65 -4.31
CA GLU B 296 -31.68 -3.67 -4.95
C GLU B 296 -30.96 -4.34 -6.11
N ALA B 297 -30.09 -3.60 -6.81
CA ALA B 297 -29.34 -4.22 -7.92
C ALA B 297 -28.28 -5.17 -7.39
N PHE B 298 -27.56 -4.76 -6.34
CA PHE B 298 -26.63 -5.67 -5.69
C PHE B 298 -27.32 -6.95 -5.26
N ARG B 299 -28.51 -6.84 -4.67
CA ARG B 299 -29.21 -8.04 -4.26
C ARG B 299 -29.53 -8.95 -5.45
N VAL B 300 -29.81 -8.34 -6.63
CA VAL B 300 -30.07 -9.12 -7.84
C VAL B 300 -28.81 -9.87 -8.29
N PHE B 301 -27.66 -9.19 -8.24
CA PHE B 301 -26.40 -9.86 -8.55
C PHE B 301 -26.04 -10.92 -7.52
N ASP B 302 -26.33 -10.64 -6.24
CA ASP B 302 -25.93 -11.49 -5.11
C ASP B 302 -27.02 -12.54 -4.87
N LYS B 303 -27.03 -13.58 -5.73
CA LYS B 303 -28.17 -14.49 -5.79
C LYS B 303 -28.41 -15.18 -4.44
N ASP B 304 -27.36 -15.64 -3.78
CA ASP B 304 -27.60 -16.36 -2.53
C ASP B 304 -27.74 -15.44 -1.32
N GLY B 305 -27.64 -14.12 -1.52
CA GLY B 305 -27.86 -13.19 -0.43
C GLY B 305 -26.84 -13.21 0.69
N ASN B 306 -25.61 -13.67 0.42
CA ASN B 306 -24.58 -13.76 1.46
C ASN B 306 -23.72 -12.52 1.56
N GLY B 307 -24.03 -11.46 0.80
CA GLY B 307 -23.27 -10.23 0.86
C GLY B 307 -22.07 -10.14 -0.06
N TYR B 308 -21.79 -11.17 -0.86
CA TYR B 308 -20.66 -11.13 -1.77
C TYR B 308 -21.08 -11.67 -3.13
N ILE B 309 -20.77 -10.94 -4.20
CA ILE B 309 -21.03 -11.43 -5.56
C ILE B 309 -19.85 -12.29 -5.98
N SER B 310 -20.11 -13.57 -6.21
CA SER B 310 -19.06 -14.48 -6.65
C SER B 310 -18.95 -14.51 -8.18
N ALA B 311 -17.82 -15.05 -8.64
CA ALA B 311 -17.61 -15.29 -10.06
C ALA B 311 -18.78 -16.03 -10.69
N ALA B 312 -19.28 -17.07 -10.01
CA ALA B 312 -20.35 -17.89 -10.59
C ALA B 312 -21.69 -17.15 -10.62
N GLU B 313 -21.96 -16.36 -9.58
CA GLU B 313 -23.18 -15.55 -9.58
C GLU B 313 -23.12 -14.49 -10.67
N LEU B 314 -21.97 -13.85 -10.85
CA LEU B 314 -21.81 -12.90 -11.95
C LEU B 314 -22.14 -13.56 -13.28
N ARG B 315 -21.59 -14.75 -13.52
CA ARG B 315 -21.89 -15.50 -14.74
CA ARG B 315 -21.90 -15.49 -14.74
C ARG B 315 -23.40 -15.61 -14.95
N HIS B 316 -24.14 -15.92 -13.88
CA HIS B 316 -25.58 -16.16 -14.01
C HIS B 316 -26.32 -14.87 -14.34
N VAL B 317 -26.02 -13.77 -13.66
CA VAL B 317 -26.76 -12.54 -13.94
C VAL B 317 -26.36 -11.96 -15.30
N MET B 318 -25.08 -12.06 -15.67
CA MET B 318 -24.66 -11.61 -17.00
C MET B 318 -25.42 -12.35 -18.10
N THR B 319 -25.53 -13.67 -17.99
CA THR B 319 -26.29 -14.43 -18.98
C THR B 319 -27.78 -14.10 -18.90
N ASN B 320 -28.29 -13.93 -17.67
CA ASN B 320 -29.70 -13.59 -17.52
C ASN B 320 -30.02 -12.20 -18.03
N LEU B 321 -29.01 -11.33 -18.15
CA LEU B 321 -29.12 -10.02 -18.77
C LEU B 321 -28.77 -10.01 -20.26
N GLY B 322 -28.39 -11.14 -20.85
CA GLY B 322 -28.15 -11.21 -22.28
C GLY B 322 -26.70 -11.13 -22.72
N GLU B 323 -25.75 -11.06 -21.79
CA GLU B 323 -24.36 -11.09 -22.17
C GLU B 323 -23.91 -12.53 -22.41
N LYS B 324 -22.79 -12.70 -23.12
CA LYS B 324 -22.20 -14.01 -23.39
C LYS B 324 -20.68 -13.91 -23.12
N LEU B 325 -20.34 -13.72 -21.85
CA LEU B 325 -18.97 -13.45 -21.45
C LEU B 325 -18.12 -14.72 -21.41
N THR B 326 -16.89 -14.61 -21.93
CA THR B 326 -15.89 -15.64 -21.73
C THR B 326 -15.38 -15.63 -20.28
N ASP B 327 -14.72 -16.74 -19.92
CA ASP B 327 -14.15 -16.82 -18.57
C ASP B 327 -13.16 -15.70 -18.33
N GLU B 328 -12.38 -15.34 -19.36
CA GLU B 328 -11.44 -14.23 -19.23
C GLU B 328 -12.17 -12.91 -18.94
N GLU B 329 -13.30 -12.70 -19.62
CA GLU B 329 -14.09 -11.49 -19.38
C GLU B 329 -14.70 -11.46 -17.99
N VAL B 330 -15.24 -12.61 -17.52
CA VAL B 330 -15.75 -12.69 -16.14
C VAL B 330 -14.65 -12.37 -15.15
N ASP B 331 -13.51 -13.07 -15.25
CA ASP B 331 -12.38 -12.83 -14.38
C ASP B 331 -12.00 -11.35 -14.34
N GLU B 332 -12.00 -10.71 -15.50
CA GLU B 332 -11.66 -9.29 -15.61
C GLU B 332 -12.62 -8.44 -14.79
N MET B 333 -13.93 -8.69 -14.92
CA MET B 333 -14.91 -7.93 -14.16
C MET B 333 -14.70 -8.08 -12.65
N ILE B 334 -14.45 -9.30 -12.18
CA ILE B 334 -14.19 -9.52 -10.76
C ILE B 334 -12.94 -8.77 -10.32
N ARG B 335 -11.82 -9.01 -11.02
CA ARG B 335 -10.54 -8.44 -10.60
C ARG B 335 -10.54 -6.93 -10.64
N GLU B 336 -11.32 -6.32 -11.53
CA GLU B 336 -11.41 -4.86 -11.50
C GLU B 336 -12.25 -4.39 -10.32
N ALA B 337 -13.23 -5.19 -9.90
CA ALA B 337 -14.08 -4.76 -8.79
C ALA B 337 -13.47 -5.07 -7.43
N ASP B 338 -12.51 -5.99 -7.37
CA ASP B 338 -12.10 -6.63 -6.13
C ASP B 338 -10.99 -5.81 -5.47
N ILE B 339 -11.41 -4.74 -4.78
CA ILE B 339 -10.42 -3.88 -4.11
C ILE B 339 -9.67 -4.66 -3.04
N ASP B 340 -10.40 -5.33 -2.15
CA ASP B 340 -9.76 -5.97 -1.00
C ASP B 340 -9.16 -7.33 -1.33
N GLY B 341 -9.28 -7.79 -2.58
CA GLY B 341 -8.53 -8.95 -3.02
C GLY B 341 -9.05 -10.30 -2.58
N ASP B 342 -10.32 -10.39 -2.18
CA ASP B 342 -10.86 -11.67 -1.76
C ASP B 342 -11.49 -12.47 -2.90
N GLY B 343 -11.39 -12.01 -4.14
CA GLY B 343 -11.94 -12.73 -5.28
C GLY B 343 -13.43 -12.62 -5.47
N GLN B 344 -14.11 -11.80 -4.65
CA GLN B 344 -15.55 -11.59 -4.78
C GLN B 344 -15.83 -10.11 -4.58
N VAL B 345 -17.08 -9.71 -4.80
CA VAL B 345 -17.40 -8.30 -4.82
C VAL B 345 -18.43 -8.03 -3.72
N ASN B 346 -18.03 -7.23 -2.72
CA ASN B 346 -18.96 -6.84 -1.67
C ASN B 346 -19.67 -5.55 -2.10
N TYR B 347 -20.58 -5.06 -1.24
CA TYR B 347 -21.42 -3.94 -1.64
C TYR B 347 -20.60 -2.68 -1.88
N GLU B 348 -19.54 -2.46 -1.12
CA GLU B 348 -18.75 -1.24 -1.31
C GLU B 348 -17.98 -1.28 -2.63
N GLU B 349 -17.46 -2.45 -3.00
CA GLU B 349 -16.82 -2.60 -4.29
C GLU B 349 -17.84 -2.48 -5.43
N PHE B 350 -19.03 -3.03 -5.23
CA PHE B 350 -20.09 -2.90 -6.22
C PHE B 350 -20.41 -1.42 -6.47
N VAL B 351 -20.58 -0.65 -5.40
CA VAL B 351 -20.96 0.75 -5.51
C VAL B 351 -19.92 1.53 -6.31
N GLN B 352 -18.63 1.29 -6.02
CA GLN B 352 -17.58 2.02 -6.74
C GLN B 352 -17.61 1.71 -8.23
N MET B 353 -17.81 0.44 -8.57
CA MET B 353 -17.89 0.02 -9.97
C MET B 353 -19.07 0.67 -10.66
N MET B 354 -20.18 0.84 -9.94
CA MET B 354 -21.42 1.30 -10.56
C MET B 354 -21.47 2.81 -10.67
N THR B 355 -20.75 3.54 -9.81
CA THR B 355 -21.02 4.97 -9.69
C THR B 355 -19.80 5.86 -9.93
N ALA B 356 -18.61 5.30 -10.11
CA ALA B 356 -17.40 6.10 -10.25
C ALA B 356 -16.77 5.85 -11.61
N LYS B 357 -16.20 6.89 -12.21
CA LYS B 357 -15.39 6.75 -13.41
C LYS B 357 -13.95 6.37 -13.03
N TYR B 358 -13.18 5.92 -14.02
CA TYR B 358 -11.81 5.49 -13.71
C TYR B 358 -10.92 6.64 -13.26
N LEU B 359 -11.24 7.88 -13.65
CA LEU B 359 -10.41 9.04 -13.33
C LEU B 359 -11.29 10.07 -12.68
N THR B 360 -10.91 10.48 -11.46
CA THR B 360 -11.66 11.50 -10.74
C THR B 360 -11.67 12.79 -11.53
N GLU B 361 -12.61 13.68 -11.16
CA GLU B 361 -12.63 15.01 -11.74
C GLU B 361 -11.32 15.76 -11.48
N VAL B 362 -10.78 15.66 -10.27
CA VAL B 362 -9.48 16.27 -9.99
C VAL B 362 -8.42 15.72 -10.94
N GLU B 363 -8.45 14.41 -11.21
CA GLU B 363 -7.47 13.83 -12.13
C GLU B 363 -7.74 14.28 -13.57
N MET B 364 -8.99 14.43 -13.97
CA MET B 364 -9.31 14.92 -15.33
C MET B 364 -8.81 16.36 -15.51
N ASP B 365 -8.98 17.18 -14.49
CA ASP B 365 -8.58 18.58 -14.64
C ASP B 365 -7.06 18.73 -14.83
N HIS B 366 -6.26 17.84 -14.23
CA HIS B 366 -4.82 17.85 -14.48
C HIS B 366 -4.50 17.44 -15.91
N TYR B 367 -5.23 16.45 -16.44
CA TYR B 367 -5.04 16.07 -17.83
C TYR B 367 -5.58 17.12 -18.79
N ARG B 368 -6.67 17.81 -18.41
CA ARG B 368 -7.28 18.82 -19.28
C ARG B 368 -6.43 20.07 -19.38
N GLU B 369 -5.70 20.39 -18.29
CA GLU B 369 -5.10 21.70 -18.09
C GLU B 369 -4.20 22.18 -19.23
N PRO B 370 -3.33 21.35 -19.83
CA PRO B 370 -2.52 21.85 -20.96
C PRO B 370 -3.31 22.15 -22.22
N PHE B 371 -4.57 21.71 -22.32
CA PHE B 371 -5.25 21.74 -23.61
C PHE B 371 -6.57 22.51 -23.54
N LEU B 372 -6.67 23.49 -22.64
CA LEU B 372 -7.91 24.25 -22.54
C LEU B 372 -8.14 25.11 -23.78
N ASN B 373 -7.05 25.56 -24.49
CA ASN B 373 -7.17 26.28 -25.75
C ASN B 373 -7.14 25.32 -26.94
N PRO B 374 -8.11 25.41 -27.86
CA PRO B 374 -8.04 24.53 -29.05
C PRO B 374 -6.77 24.67 -29.85
N VAL B 375 -6.22 25.89 -29.95
CA VAL B 375 -5.01 26.08 -30.75
C VAL B 375 -3.81 25.35 -30.16
N ASP B 376 -3.91 24.88 -28.92
CA ASP B 376 -2.83 24.11 -28.30
C ASP B 376 -3.01 22.60 -28.45
N ARG B 377 -3.99 22.14 -29.24
CA ARG B 377 -4.33 20.73 -29.28
C ARG B 377 -3.71 19.99 -30.45
N GLU B 378 -2.83 20.63 -31.21
CA GLU B 378 -2.21 19.96 -32.36
C GLU B 378 -1.53 18.64 -32.03
N PRO B 379 -0.70 18.50 -30.97
CA PRO B 379 -0.10 17.19 -30.70
C PRO B 379 -1.13 16.11 -30.44
N LEU B 380 -2.31 16.47 -29.93
CA LEU B 380 -3.34 15.48 -29.63
C LEU B 380 -3.86 14.82 -30.90
N TRP B 381 -3.85 15.56 -32.02
CA TRP B 381 -4.31 15.02 -33.29
C TRP B 381 -3.18 14.40 -34.10
N ARG B 382 -1.99 15.01 -34.06
CA ARG B 382 -0.87 14.49 -34.86
C ARG B 382 -0.41 13.12 -34.37
N PHE B 383 -0.39 12.92 -33.05
CA PHE B 383 0.08 11.63 -32.44
C PHE B 383 -0.71 10.43 -32.99
N PRO B 384 -2.06 10.39 -32.92
CA PRO B 384 -2.77 9.27 -33.55
C PRO B 384 -2.55 9.16 -35.05
N ASN B 385 -2.25 10.27 -35.73
CA ASN B 385 -2.00 10.17 -37.17
C ASN B 385 -0.60 9.66 -37.51
N GLU B 386 0.27 9.53 -36.50
CA GLU B 386 1.59 8.93 -36.61
C GLU B 386 1.63 7.45 -36.22
N LEU B 387 0.56 6.94 -35.61
CA LEU B 387 0.55 5.57 -35.11
C LEU B 387 0.82 4.58 -36.24
N PRO B 388 1.79 3.66 -36.09
CA PRO B 388 2.09 2.70 -37.15
C PRO B 388 1.07 1.57 -37.22
N ILE B 389 0.08 1.70 -38.10
CA ILE B 389 -1.07 0.79 -38.13
C ILE B 389 -1.33 0.42 -39.58
N ALA B 390 -1.32 -0.88 -39.89
CA ALA B 390 -1.59 -1.36 -41.24
C ALA B 390 -0.62 -0.72 -42.24
N GLY B 391 0.63 -0.55 -41.83
CA GLY B 391 1.65 -0.02 -42.70
C GLY B 391 1.67 1.48 -42.90
N GLU B 392 0.78 2.24 -42.22
CA GLU B 392 0.69 3.69 -42.35
C GLU B 392 0.92 4.38 -41.01
N PRO B 393 1.69 5.48 -40.96
CA PRO B 393 2.52 6.02 -42.05
C PRO B 393 3.77 5.17 -42.25
N ALA B 394 4.24 5.08 -43.50
CA ALA B 394 5.33 4.14 -43.81
C ALA B 394 6.66 4.54 -43.17
N ASN B 395 6.93 5.83 -43.02
CA ASN B 395 8.20 6.22 -42.41
C ASN B 395 8.23 5.89 -40.92
N ILE B 396 7.11 6.07 -40.21
CA ILE B 396 7.06 5.70 -38.79
C ILE B 396 7.15 4.19 -38.64
N VAL B 397 6.42 3.46 -39.49
CA VAL B 397 6.53 2.01 -39.51
C VAL B 397 7.98 1.59 -39.65
N ALA B 398 8.69 2.19 -40.62
CA ALA B 398 10.08 1.83 -40.84
C ALA B 398 10.92 2.13 -39.61
N LEU B 399 10.70 3.30 -39.00
CA LEU B 399 11.48 3.68 -37.83
C LEU B 399 11.24 2.72 -36.67
N VAL B 400 9.97 2.34 -36.43
CA VAL B 400 9.66 1.49 -35.30
C VAL B 400 10.17 0.06 -35.54
N GLU B 401 10.07 -0.42 -36.78
CA GLU B 401 10.60 -1.73 -37.12
C GLU B 401 12.10 -1.81 -36.82
N GLU B 402 12.83 -0.72 -37.04
CA GLU B 402 14.28 -0.73 -36.81
C GLU B 402 14.63 -0.87 -35.34
N TYR B 403 13.91 -0.18 -34.44
CA TYR B 403 14.27 -0.33 -33.04
C TYR B 403 13.73 -1.63 -32.46
N MET B 404 12.68 -2.19 -33.07
CA MET B 404 12.24 -3.53 -32.67
C MET B 404 13.27 -4.58 -33.06
N ASP B 405 14.00 -4.40 -34.16
CA ASP B 405 15.08 -5.33 -34.56
C ASP B 405 16.21 -5.19 -33.55
N TRP B 406 16.57 -3.94 -33.26
CA TRP B 406 17.60 -3.71 -32.26
C TRP B 406 17.21 -4.33 -30.92
N LEU B 407 15.97 -4.10 -30.49
CA LEU B 407 15.50 -4.63 -29.22
C LEU B 407 15.61 -6.16 -29.18
N HIS B 408 15.32 -6.82 -30.31
CA HIS B 408 15.38 -8.27 -30.34
C HIS B 408 16.82 -8.77 -30.24
N GLN B 409 17.78 -7.97 -30.68
CA GLN B 409 19.18 -8.36 -30.74
C GLN B 409 19.99 -7.84 -29.56
N SER B 410 19.39 -7.05 -28.70
CA SER B 410 20.13 -6.33 -27.66
C SER B 410 20.13 -7.08 -26.33
N PRO B 411 21.27 -7.06 -25.64
CA PRO B 411 21.33 -7.62 -24.29
C PRO B 411 20.81 -6.71 -23.19
N VAL B 412 20.32 -5.52 -23.51
CA VAL B 412 19.91 -4.59 -22.43
C VAL B 412 18.86 -5.26 -21.55
N PRO B 413 18.93 -5.14 -20.23
CA PRO B 413 17.83 -5.64 -19.38
C PRO B 413 16.52 -4.95 -19.72
N LYS B 414 15.45 -5.74 -19.76
CA LYS B 414 14.14 -5.27 -20.19
C LYS B 414 13.07 -5.74 -19.21
N LEU B 415 12.14 -4.84 -18.90
CA LEU B 415 11.01 -5.15 -18.03
C LEU B 415 9.72 -4.74 -18.72
N LEU B 416 8.86 -5.72 -18.99
CA LEU B 416 7.64 -5.53 -19.78
C LEU B 416 6.42 -5.65 -18.88
N PHE B 417 5.61 -4.59 -18.82
CA PHE B 417 4.33 -4.60 -18.13
C PHE B 417 3.20 -4.70 -19.15
N TRP B 418 2.16 -5.48 -18.82
CA TRP B 418 1.06 -5.67 -19.76
C TRP B 418 -0.24 -5.94 -19.02
N GLY B 419 -1.35 -5.64 -19.68
CA GLY B 419 -2.67 -5.82 -19.12
C GLY B 419 -3.59 -6.51 -20.12
N THR B 420 -4.80 -6.82 -19.65
CA THR B 420 -5.83 -7.43 -20.49
C THR B 420 -7.04 -6.51 -20.53
N PRO B 421 -7.55 -6.18 -21.71
CA PRO B 421 -7.10 -6.65 -23.02
C PRO B 421 -5.90 -5.90 -23.63
N GLY B 422 -5.42 -4.84 -22.99
CA GLY B 422 -4.48 -3.94 -23.63
C GLY B 422 -5.07 -3.21 -24.83
N VAL B 423 -4.22 -2.39 -25.46
CA VAL B 423 -4.60 -1.65 -26.67
C VAL B 423 -3.48 -1.80 -27.69
N LEU B 424 -2.32 -1.20 -27.40
CA LEU B 424 -1.16 -1.34 -28.29
C LEU B 424 -0.57 -2.75 -28.22
N ILE B 425 -0.59 -3.37 -27.06
CA ILE B 425 0.09 -4.64 -26.78
C ILE B 425 -0.93 -5.66 -26.30
N PRO B 426 -1.52 -6.46 -27.17
CA PRO B 426 -2.42 -7.51 -26.72
C PRO B 426 -1.69 -8.56 -25.90
N PRO B 427 -2.42 -9.31 -25.04
CA PRO B 427 -1.75 -10.33 -24.20
C PRO B 427 -0.95 -11.37 -24.96
N ALA B 428 -1.44 -11.82 -26.10
CA ALA B 428 -0.68 -12.76 -26.92
C ALA B 428 0.59 -12.10 -27.48
N GLU B 429 0.52 -10.81 -27.80
CA GLU B 429 1.72 -10.10 -28.22
C GLU B 429 2.73 -9.99 -27.08
N ALA B 430 2.26 -9.68 -25.86
CA ALA B 430 3.17 -9.64 -24.71
C ALA B 430 3.84 -10.99 -24.51
N ALA B 431 3.10 -12.07 -24.77
CA ALA B 431 3.66 -13.41 -24.66
C ALA B 431 4.83 -13.59 -25.62
N ARG B 432 4.57 -13.32 -26.91
CA ARG B 432 5.62 -13.45 -27.92
C ARG B 432 6.86 -12.66 -27.52
N LEU B 433 6.66 -11.43 -27.05
CA LEU B 433 7.80 -10.57 -26.74
C LEU B 433 8.56 -11.05 -25.50
N ALA B 434 7.83 -11.53 -24.47
CA ALA B 434 8.49 -12.04 -23.27
C ALA B 434 9.46 -13.17 -23.61
N LYS B 435 9.09 -13.99 -24.59
CA LYS B 435 9.92 -15.14 -24.96
C LYS B 435 11.02 -14.77 -25.93
N SER B 436 10.80 -13.80 -26.82
CA SER B 436 11.78 -13.48 -27.84
C SER B 436 12.63 -12.27 -27.50
N LEU B 437 12.27 -11.51 -26.47
CA LEU B 437 13.28 -10.49 -26.19
C LEU B 437 14.34 -11.03 -25.24
N PRO B 438 15.62 -10.78 -25.50
CA PRO B 438 16.67 -11.18 -24.55
C PRO B 438 16.54 -10.45 -23.22
N ASN B 439 16.84 -11.16 -22.14
CA ASN B 439 16.98 -10.57 -20.81
C ASN B 439 15.76 -9.73 -20.45
N CYS B 440 14.58 -10.31 -20.63
CA CYS B 440 13.31 -9.60 -20.49
C CYS B 440 12.46 -10.34 -19.46
N LYS B 441 12.02 -9.63 -18.42
CA LYS B 441 11.03 -10.12 -17.47
C LYS B 441 9.69 -9.44 -17.75
N ALA B 442 8.62 -10.23 -17.77
CA ALA B 442 7.28 -9.75 -18.08
C ALA B 442 6.39 -9.81 -16.85
N VAL B 443 5.64 -8.74 -16.59
CA VAL B 443 4.78 -8.67 -15.42
C VAL B 443 3.35 -8.36 -15.86
N ASP B 444 2.44 -9.28 -15.55
CA ASP B 444 1.01 -9.09 -15.76
C ASP B 444 0.47 -8.14 -14.70
N ILE B 445 -0.02 -6.97 -15.13
CA ILE B 445 -0.52 -6.01 -14.15
C ILE B 445 -2.01 -6.18 -13.88
N GLY B 446 -2.67 -7.10 -14.59
CA GLY B 446 -4.10 -7.27 -14.44
C GLY B 446 -4.87 -6.54 -15.51
N PRO B 447 -6.14 -6.21 -15.23
CA PRO B 447 -6.95 -5.51 -16.22
C PRO B 447 -6.37 -4.16 -16.59
N GLY B 448 -6.49 -3.81 -17.86
CA GLY B 448 -6.01 -2.53 -18.35
C GLY B 448 -6.19 -2.39 -19.85
N LEU B 449 -6.31 -1.15 -20.32
CA LEU B 449 -6.28 -0.86 -21.74
C LEU B 449 -4.95 -0.21 -22.02
N ASN B 450 -4.85 1.12 -22.12
CA ASN B 450 -3.59 1.77 -22.47
C ASN B 450 -2.89 2.42 -21.26
N LEU B 451 -3.63 3.11 -20.39
CA LEU B 451 -3.08 3.81 -19.23
C LEU B 451 -2.90 2.83 -18.06
N LEU B 452 -1.94 1.92 -18.20
CA LEU B 452 -1.74 0.94 -17.14
C LEU B 452 -1.34 1.62 -15.82
N GLN B 453 -0.71 2.79 -15.89
CA GLN B 453 -0.37 3.52 -14.68
C GLN B 453 -1.61 3.89 -13.87
N GLU B 454 -2.77 3.97 -14.50
CA GLU B 454 -3.98 4.29 -13.76
C GLU B 454 -4.73 3.04 -13.32
N ASP B 455 -4.26 1.84 -13.72
CA ASP B 455 -4.85 0.59 -13.26
C ASP B 455 -4.13 0.05 -12.03
N ASN B 456 -2.80 -0.07 -12.10
CA ASN B 456 -2.09 -0.77 -11.04
C ASN B 456 -0.74 -0.11 -10.78
N PRO B 457 -0.71 1.14 -10.31
CA PRO B 457 0.57 1.83 -10.13
C PRO B 457 1.43 1.24 -9.02
N ASP B 458 0.82 0.71 -7.96
CA ASP B 458 1.63 0.14 -6.87
C ASP B 458 2.44 -1.04 -7.37
N LEU B 459 1.82 -1.95 -8.15
CA LEU B 459 2.58 -3.06 -8.72
C LEU B 459 3.66 -2.57 -9.68
N ILE B 460 3.33 -1.59 -10.53
CA ILE B 460 4.31 -1.14 -11.52
C ILE B 460 5.48 -0.45 -10.81
N GLY B 461 5.17 0.44 -9.87
CA GLY B 461 6.23 1.11 -9.12
C GLY B 461 7.07 0.16 -8.28
N SER B 462 6.41 -0.69 -7.48
CA SER B 462 7.10 -1.73 -6.72
C SER B 462 8.02 -2.54 -7.60
N GLU B 463 7.47 -3.10 -8.68
CA GLU B 463 8.25 -3.99 -9.52
C GLU B 463 9.40 -3.25 -10.20
N ILE B 464 9.22 -1.97 -10.52
CA ILE B 464 10.31 -1.23 -11.15
C ILE B 464 11.46 -1.03 -10.15
N ALA B 465 11.13 -0.70 -8.90
CA ALA B 465 12.15 -0.48 -7.89
C ALA B 465 12.88 -1.77 -7.54
N ARG B 466 12.17 -2.90 -7.47
CA ARG B 466 12.86 -4.18 -7.29
C ARG B 466 13.75 -4.50 -8.49
N TRP B 467 13.23 -4.28 -9.71
CA TRP B 467 14.02 -4.53 -10.91
C TRP B 467 15.26 -3.65 -10.96
N LEU B 468 15.15 -2.39 -10.53
CA LEU B 468 16.30 -1.49 -10.54
C LEU B 468 17.43 -2.01 -9.66
N SER B 469 17.11 -2.73 -8.59
CA SER B 469 18.17 -3.14 -7.66
C SER B 469 19.05 -4.22 -8.26
N THR B 470 18.61 -4.84 -9.35
CA THR B 470 19.34 -5.93 -9.99
C THR B 470 20.26 -5.44 -11.10
N LEU B 471 20.36 -4.13 -11.31
CA LEU B 471 20.99 -3.60 -12.52
C LEU B 471 22.39 -3.08 -12.24
N GLU B 472 23.13 -2.85 -13.32
CA GLU B 472 24.51 -2.35 -13.27
C GLU B 472 24.55 -0.83 -13.20
N ILE B 473 23.88 -0.30 -12.18
CA ILE B 473 23.74 1.15 -11.98
C ILE B 473 24.28 1.54 -10.62
N SER B 474 24.28 2.83 -10.31
CA SER B 474 24.75 3.31 -8.98
C SER B 474 23.82 4.34 -8.37
#